data_4FPO
#
_entry.id   4FPO
#
_cell.length_a   76.457
_cell.length_b   82.487
_cell.length_c   116.807
_cell.angle_alpha   90.000
_cell.angle_beta   90.000
_cell.angle_gamma   90.000
#
_symmetry.space_group_name_H-M   'P 21 21 21'
#
loop_
_entity.id
_entity.type
_entity.pdbx_description
1 polymer 'Sialidase B'
2 non-polymer '2-[(3-chloro-4-methoxybenzyl)amino]ethanesulfonic acid'
3 non-polymer 'DIMETHYL SULFOXIDE'
4 water water
#
_entity_poly.entity_id   1
_entity_poly.type   'polypeptide(L)'
_entity_poly.pdbx_seq_one_letter_code
;MNKRGLYSKLGISVVGISLLMGVPTLIHANELNYGQLSISPIFQGGSYQLNNKSIDISSLLLDKLSGESQTVVMKFKADK
PNSLQALFGLSNSKAGFKNNYFSIFMRDSGEIGVEIRDAQKGINYLFSRPASLWGKHKGQAVENTLVFVSDSKDKTYTMY
VNGIEVFSETVDTFLPISNINGIDKATLGAVNREGKEHYLAKGSIDEISLFNKAISDQEVSTIPLSNPFQLIFQSGDSTQ
ANYFRIPTLYTLSSGRVLSSIDARYGGTHDSKSKINIATSYSDDNGKTWSEPIFAMKFNDYEEQLVYWPRDNKLKNSQIS
GSASFIDSSIVEDKKSGKTILLADVMPAGIGNNNANKADSGFKEINGHYYLKLKKNGDNDFRYTVRENGVVYNETTNKPT
NYTINDKYEVLEGGKSLTVEQYSVDFDSGSLRERHNGKQVPMNVFYKDSLFKVTPTNYIAMTTSQNRGESWEQFKLLPPF
LGEKHNGTYLCPGQGLALKSSNRLIFATYTSGELTYLISDDSGQTWKKSSASIPFKNATAEAQMVELRDGVIRTFFRTTT
GKIAYMTSRDSGETWSKVSYIDGIQQTSYGTQVSAIKYSQLIDGKEAVILSTPNSRSGRKGGQLVVGLVNKEDDSIDWKY
HYDIDLPSYGYAYSAITELPNHHIGVLFEKYDSWSRNELHLSNVVQYIDLEINDLTK
;
_entity_poly.pdbx_strand_id   B
#
# COMPACT_ATOMS: atom_id res chain seq x y z
N ILE A 39 31.86 10.95 -20.18
CA ILE A 39 30.40 10.96 -20.04
C ILE A 39 29.91 12.21 -19.29
N SER A 40 30.28 13.39 -19.80
CA SER A 40 29.94 14.65 -19.13
C SER A 40 28.82 15.38 -19.90
N PRO A 41 28.20 16.41 -19.28
CA PRO A 41 27.01 16.95 -19.93
C PRO A 41 27.28 17.91 -21.09
N ILE A 42 26.41 17.90 -22.09
CA ILE A 42 26.50 18.84 -23.21
C ILE A 42 25.93 20.19 -22.79
N PHE A 43 25.10 20.20 -21.75
CA PHE A 43 24.52 21.44 -21.27
C PHE A 43 24.26 21.31 -19.79
N GLN A 44 24.66 22.34 -19.04
CA GLN A 44 24.43 22.36 -17.61
C GLN A 44 24.00 23.76 -17.15
N GLY A 45 22.81 23.85 -16.58
CA GLY A 45 22.25 25.12 -16.16
C GLY A 45 21.62 25.01 -14.79
N GLY A 46 21.36 26.16 -14.16
CA GLY A 46 20.88 26.12 -12.79
C GLY A 46 20.17 27.33 -12.23
N SER A 47 19.46 27.08 -11.12
CA SER A 47 18.61 28.05 -10.44
C SER A 47 17.75 28.88 -11.40
N TYR A 48 16.77 28.23 -12.01
CA TYR A 48 15.78 28.92 -12.82
C TYR A 48 14.47 29.06 -12.04
N GLN A 49 13.91 30.26 -12.03
CA GLN A 49 12.60 30.46 -11.40
C GLN A 49 11.54 30.43 -12.49
N LEU A 50 10.65 29.46 -12.39
CA LEU A 50 9.51 29.36 -13.27
C LEU A 50 8.31 30.08 -12.65
N ASN A 51 8.10 31.35 -13.00
CA ASN A 51 6.98 32.10 -12.44
C ASN A 51 5.90 32.47 -13.46
N ASN A 52 5.34 31.45 -14.11
CA ASN A 52 4.39 31.64 -15.21
C ASN A 52 4.98 32.43 -16.40
N LYS A 53 6.29 32.33 -16.55
CA LYS A 53 6.99 32.94 -17.67
C LYS A 53 8.12 32.01 -18.11
N SER A 54 7.96 31.41 -19.27
CA SER A 54 8.94 30.44 -19.78
C SER A 54 10.33 31.07 -19.93
N ILE A 55 11.35 30.22 -19.86
CA ILE A 55 12.74 30.67 -20.07
C ILE A 55 13.31 30.05 -21.34
N ASP A 56 13.83 30.91 -22.21
CA ASP A 56 14.42 30.47 -23.46
C ASP A 56 15.89 30.07 -23.32
N ILE A 57 16.20 28.83 -23.71
CA ILE A 57 17.56 28.34 -23.64
C ILE A 57 17.99 27.69 -24.96
N SER A 58 17.22 27.96 -26.01
CA SER A 58 17.51 27.46 -27.35
C SER A 58 18.95 27.74 -27.82
N SER A 59 19.40 28.98 -27.66
CA SER A 59 20.72 29.36 -28.13
C SER A 59 21.81 28.55 -27.41
N LEU A 60 21.58 28.30 -26.12
CA LEU A 60 22.52 27.54 -25.30
C LEU A 60 22.53 26.04 -25.61
N LEU A 61 21.35 25.45 -25.75
CA LEU A 61 21.25 24.00 -25.80
C LEU A 61 21.16 23.41 -27.21
N LEU A 62 20.33 23.99 -28.08
CA LEU A 62 19.96 23.31 -29.32
C LEU A 62 21.10 22.84 -30.22
N ASP A 63 22.14 23.66 -30.39
CA ASP A 63 23.24 23.25 -31.27
C ASP A 63 24.21 22.26 -30.61
N LYS A 64 24.00 21.99 -29.32
CA LYS A 64 24.75 20.95 -28.61
C LYS A 64 24.15 19.55 -28.83
N LEU A 65 22.88 19.50 -29.20
CA LEU A 65 22.21 18.21 -29.37
C LEU A 65 22.71 17.43 -30.59
N SER A 66 23.07 16.17 -30.37
CA SER A 66 23.51 15.33 -31.48
C SER A 66 23.34 13.86 -31.20
N GLY A 67 23.14 13.09 -32.26
CA GLY A 67 22.85 11.68 -32.11
C GLY A 67 21.41 11.54 -31.68
N GLU A 68 20.98 10.29 -31.55
CA GLU A 68 19.57 9.99 -31.35
C GLU A 68 19.24 9.54 -29.94
N SER A 69 20.25 9.43 -29.07
CA SER A 69 20.03 9.10 -27.66
C SER A 69 20.34 10.28 -26.78
N GLN A 70 19.48 10.53 -25.79
CA GLN A 70 19.70 11.64 -24.87
C GLN A 70 19.32 11.27 -23.44
N THR A 71 19.88 11.97 -22.47
CA THR A 71 19.50 11.82 -21.09
C THR A 71 19.22 13.21 -20.57
N VAL A 72 18.11 13.37 -19.85
CA VAL A 72 17.85 14.64 -19.17
C VAL A 72 17.94 14.46 -17.64
N VAL A 73 18.68 15.32 -16.98
CA VAL A 73 18.76 15.24 -15.53
C VAL A 73 18.33 16.58 -14.97
N MET A 74 17.37 16.56 -14.06
CA MET A 74 16.70 17.76 -13.67
C MET A 74 16.31 17.69 -12.20
N LYS A 75 16.84 18.62 -11.42
CA LYS A 75 16.44 18.79 -10.04
C LYS A 75 15.54 20.01 -9.95
N PHE A 76 14.29 19.77 -9.57
CA PHE A 76 13.29 20.82 -9.55
C PHE A 76 12.38 20.77 -8.31
N LYS A 77 11.83 21.94 -7.98
CA LYS A 77 10.85 22.08 -6.92
C LYS A 77 9.54 22.57 -7.52
N ALA A 78 8.43 22.11 -6.97
CA ALA A 78 7.13 22.64 -7.36
C ALA A 78 6.15 22.41 -6.23
N ASP A 79 6.04 23.40 -5.33
CA ASP A 79 5.14 23.29 -4.19
C ASP A 79 3.84 24.05 -4.38
N LYS A 80 3.72 24.75 -5.51
CA LYS A 80 2.47 25.41 -5.87
C LYS A 80 2.19 25.23 -7.35
N PRO A 81 2.15 23.98 -7.83
CA PRO A 81 2.06 23.81 -9.29
C PRO A 81 0.71 24.23 -9.86
N ASN A 82 0.66 24.54 -11.15
CA ASN A 82 -0.61 24.71 -11.84
C ASN A 82 -1.15 23.32 -12.13
N SER A 83 -2.41 23.24 -12.61
CA SER A 83 -3.05 21.96 -12.96
C SER A 83 -2.17 21.10 -13.81
N LEU A 84 -1.65 21.71 -14.88
CA LEU A 84 -0.85 21.02 -15.87
C LEU A 84 0.24 21.99 -16.33
N GLN A 85 1.50 21.59 -16.19
CA GLN A 85 2.60 22.46 -16.58
C GLN A 85 3.81 21.70 -17.08
N ALA A 86 4.42 22.22 -18.15
CA ALA A 86 5.66 21.64 -18.67
C ALA A 86 6.90 22.16 -17.92
N LEU A 87 7.80 21.26 -17.58
CA LEU A 87 9.03 21.68 -16.95
C LEU A 87 10.03 22.04 -18.03
N PHE A 88 9.94 21.33 -19.15
CA PHE A 88 10.96 21.46 -20.17
C PHE A 88 10.37 21.06 -21.49
N GLY A 89 10.75 21.79 -22.54
CA GLY A 89 10.20 21.59 -23.86
C GLY A 89 11.22 21.77 -24.97
N LEU A 90 11.14 20.88 -25.95
CA LEU A 90 11.82 21.06 -27.23
C LEU A 90 10.75 21.14 -28.30
N SER A 91 10.64 22.26 -28.98
CA SER A 91 9.57 22.41 -29.96
C SER A 91 10.00 22.99 -31.30
N ASN A 92 9.25 22.62 -32.33
CA ASN A 92 9.13 23.41 -33.54
C ASN A 92 8.08 24.46 -33.21
N SER A 93 8.49 25.70 -33.05
CA SER A 93 7.55 26.74 -32.66
C SER A 93 6.91 27.43 -33.85
N LYS A 94 7.03 26.86 -35.04
CA LYS A 94 6.57 27.55 -36.25
C LYS A 94 5.10 27.25 -36.62
N ALA A 95 4.45 28.22 -37.25
CA ALA A 95 3.04 28.13 -37.63
C ALA A 95 2.72 26.84 -38.38
N GLY A 96 1.73 26.09 -37.89
CA GLY A 96 1.38 24.80 -38.48
C GLY A 96 2.10 23.59 -37.92
N PHE A 97 2.96 23.80 -36.94
CA PHE A 97 3.68 22.69 -36.32
C PHE A 97 3.46 22.65 -34.81
N LYS A 98 2.20 22.82 -34.41
CA LYS A 98 1.87 22.93 -33.00
C LYS A 98 2.01 21.57 -32.32
N ASN A 99 1.98 20.49 -33.10
CA ASN A 99 2.16 19.18 -32.52
C ASN A 99 3.52 18.56 -32.84
N ASN A 100 4.53 19.39 -33.01
CA ASN A 100 5.90 18.90 -33.16
C ASN A 100 6.76 19.35 -31.97
N TYR A 101 6.73 18.58 -30.88
CA TYR A 101 7.48 18.96 -29.69
C TYR A 101 7.77 17.81 -28.74
N PHE A 102 8.78 18.01 -27.90
CA PHE A 102 9.05 17.12 -26.80
C PHE A 102 8.82 17.90 -25.52
N SER A 103 8.22 17.28 -24.52
CA SER A 103 8.05 17.92 -23.22
C SER A 103 8.27 16.95 -22.07
N ILE A 104 8.67 17.51 -20.93
CA ILE A 104 8.58 16.82 -19.65
C ILE A 104 7.58 17.66 -18.86
N PHE A 105 6.47 17.03 -18.46
CA PHE A 105 5.39 17.78 -17.80
C PHE A 105 4.96 17.12 -16.50
N MET A 106 4.20 17.86 -15.70
CA MET A 106 3.63 17.32 -14.48
C MET A 106 2.21 17.83 -14.28
N ARG A 107 1.44 17.14 -13.45
CA ARG A 107 0.12 17.63 -13.05
C ARG A 107 0.12 18.00 -11.56
N ASP A 108 -0.89 18.74 -11.11
CA ASP A 108 -0.95 19.06 -9.69
C ASP A 108 -1.42 17.86 -8.85
N SER A 109 -1.71 16.75 -9.52
CA SER A 109 -1.97 15.48 -8.82
C SER A 109 -0.68 14.76 -8.37
N GLY A 110 0.47 15.24 -8.85
CA GLY A 110 1.76 14.60 -8.59
C GLY A 110 2.28 13.76 -9.74
N GLU A 111 1.49 13.70 -10.82
CA GLU A 111 1.83 12.89 -11.99
C GLU A 111 2.94 13.52 -12.84
N ILE A 112 3.78 12.67 -13.42
CA ILE A 112 4.88 13.10 -14.28
C ILE A 112 4.77 12.39 -15.64
N GLY A 113 5.17 13.07 -16.71
CA GLY A 113 5.33 12.38 -17.98
C GLY A 113 6.06 13.12 -19.08
N VAL A 114 6.21 12.46 -20.22
CA VAL A 114 6.74 13.10 -21.42
C VAL A 114 5.83 12.93 -22.64
N GLU A 115 5.80 13.96 -23.47
CA GLU A 115 5.20 13.89 -24.80
C GLU A 115 6.30 13.91 -25.86
N ILE A 116 6.08 13.17 -26.94
CA ILE A 116 7.05 13.09 -28.03
C ILE A 116 6.27 13.03 -29.34
N ARG A 117 6.17 14.17 -30.01
CA ARG A 117 5.18 14.38 -31.06
C ARG A 117 5.79 14.95 -32.33
N ASP A 118 5.44 14.34 -33.47
CA ASP A 118 5.93 14.77 -34.77
C ASP A 118 4.87 14.44 -35.81
N ALA A 119 4.23 15.48 -36.35
CA ALA A 119 3.08 15.28 -37.24
C ALA A 119 3.50 14.61 -38.54
N GLN A 120 4.64 15.03 -39.06
CA GLN A 120 5.14 14.51 -40.33
C GLN A 120 5.56 13.03 -40.24
N LYS A 121 5.87 12.56 -39.03
CA LYS A 121 6.19 11.15 -38.82
C LYS A 121 4.97 10.36 -38.39
N GLY A 122 3.86 11.05 -38.17
CA GLY A 122 2.65 10.41 -37.67
C GLY A 122 2.84 9.80 -36.29
N ILE A 123 3.54 10.52 -35.42
CA ILE A 123 3.89 10.00 -34.11
C ILE A 123 3.51 10.93 -32.97
N ASN A 124 2.63 10.46 -32.11
CA ASN A 124 2.27 11.19 -30.90
C ASN A 124 2.30 10.28 -29.69
N TYR A 125 3.45 10.23 -29.04
CA TYR A 125 3.65 9.39 -27.88
C TYR A 125 3.38 10.19 -26.62
N LEU A 126 2.71 9.56 -25.66
CA LEU A 126 2.57 10.12 -24.33
C LEU A 126 2.77 9.04 -23.26
N PHE A 127 3.83 9.17 -22.46
CA PHE A 127 4.06 8.23 -21.36
C PHE A 127 4.00 8.97 -20.03
N SER A 128 3.25 8.43 -19.07
CA SER A 128 3.18 9.08 -17.78
C SER A 128 2.97 8.08 -16.66
N ARG A 129 3.11 8.56 -15.43
CA ARG A 129 2.67 7.81 -14.27
C ARG A 129 2.17 8.76 -13.19
N PRO A 130 0.95 8.52 -12.72
CA PRO A 130 0.38 9.30 -11.62
C PRO A 130 1.27 9.19 -10.38
N ALA A 131 1.11 10.12 -9.43
CA ALA A 131 1.72 9.98 -8.10
C ALA A 131 3.24 9.70 -8.12
N SER A 132 3.99 10.54 -8.83
CA SER A 132 5.42 10.32 -8.99
C SER A 132 6.26 11.35 -8.23
N LEU A 133 5.60 12.38 -7.68
CA LEU A 133 6.33 13.53 -7.12
C LEU A 133 6.10 13.82 -5.63
N TRP A 134 7.02 14.59 -5.05
CA TRP A 134 6.78 15.26 -3.77
C TRP A 134 6.64 16.75 -4.01
N GLY A 135 5.99 17.43 -3.08
CA GLY A 135 5.85 18.87 -3.16
C GLY A 135 6.57 19.51 -1.99
N LYS A 136 6.07 19.23 -0.78
CA LYS A 136 6.55 19.83 0.46
C LYS A 136 6.91 18.75 1.49
N HIS A 137 7.75 19.12 2.45
CA HIS A 137 8.11 18.24 3.57
C HIS A 137 8.70 19.08 4.72
N LYS A 138 8.05 19.01 5.88
CA LYS A 138 8.45 19.76 7.07
C LYS A 138 8.53 21.25 6.78
N GLY A 139 7.56 21.75 6.03
CA GLY A 139 7.55 23.16 5.68
C GLY A 139 8.18 23.53 4.35
N GLN A 140 9.30 22.89 4.00
CA GLN A 140 10.07 23.24 2.81
C GLN A 140 9.70 22.44 1.55
N ALA A 141 9.81 23.11 0.41
CA ALA A 141 9.65 22.47 -0.89
C ALA A 141 10.73 21.40 -1.15
N VAL A 142 10.30 20.25 -1.68
CA VAL A 142 11.17 19.11 -1.93
C VAL A 142 11.94 19.23 -3.25
N GLU A 143 13.24 18.92 -3.20
CA GLU A 143 14.01 18.86 -4.43
C GLU A 143 13.81 17.51 -5.08
N ASN A 144 12.98 17.46 -6.12
CA ASN A 144 12.76 16.24 -6.90
C ASN A 144 13.89 16.03 -7.90
N THR A 145 14.30 14.78 -8.05
CA THR A 145 15.35 14.43 -8.99
C THR A 145 14.73 13.58 -10.09
N LEU A 146 14.69 14.14 -11.30
CA LEU A 146 14.11 13.49 -12.46
C LEU A 146 15.21 13.11 -13.45
N VAL A 147 15.22 11.86 -13.86
CA VAL A 147 16.15 11.36 -14.86
C VAL A 147 15.39 10.72 -15.99
N PHE A 148 15.32 11.40 -17.13
CA PHE A 148 14.69 10.85 -18.31
C PHE A 148 15.72 10.31 -19.30
N VAL A 149 15.54 9.05 -19.70
CA VAL A 149 16.42 8.40 -20.64
C VAL A 149 15.69 8.02 -21.93
N SER A 150 16.17 8.58 -23.05
CA SER A 150 15.67 8.25 -24.38
C SER A 150 16.74 7.52 -25.17
N ASP A 151 16.52 6.23 -25.38
CA ASP A 151 17.54 5.33 -25.90
C ASP A 151 17.19 4.79 -27.29
N SER A 152 17.91 5.27 -28.31
CA SER A 152 17.62 4.90 -29.70
C SER A 152 17.89 3.43 -30.06
N LYS A 153 18.83 2.81 -29.37
CA LYS A 153 19.24 1.44 -29.65
C LYS A 153 18.23 0.42 -29.17
N ASP A 154 17.82 0.56 -27.91
CA ASP A 154 16.80 -0.32 -27.35
C ASP A 154 15.40 0.12 -27.77
N LYS A 155 15.31 1.30 -28.38
CA LYS A 155 14.03 1.91 -28.74
C LYS A 155 13.15 2.08 -27.52
N THR A 156 13.72 2.67 -26.47
CA THR A 156 13.08 2.70 -25.16
C THR A 156 13.21 4.06 -24.49
N TYR A 157 12.14 4.48 -23.82
CA TYR A 157 12.17 5.66 -22.95
C TYR A 157 11.94 5.20 -21.52
N THR A 158 12.69 5.77 -20.59
CA THR A 158 12.59 5.42 -19.19
C THR A 158 12.64 6.66 -18.33
N MET A 159 11.71 6.75 -17.38
CA MET A 159 11.71 7.86 -16.45
C MET A 159 11.92 7.43 -14.99
N TYR A 160 12.84 8.10 -14.31
CA TYR A 160 13.00 7.93 -12.88
C TYR A 160 12.66 9.24 -12.20
N VAL A 161 12.03 9.16 -11.04
CA VAL A 161 11.90 10.31 -10.17
C VAL A 161 12.28 9.89 -8.74
N ASN A 162 13.18 10.66 -8.13
CA ASN A 162 13.61 10.42 -6.76
C ASN A 162 14.05 8.98 -6.52
N GLY A 163 14.75 8.42 -7.52
CA GLY A 163 15.26 7.06 -7.41
C GLY A 163 14.32 5.96 -7.85
N ILE A 164 13.13 6.34 -8.29
CA ILE A 164 12.14 5.36 -8.65
C ILE A 164 11.80 5.40 -10.13
N GLU A 165 11.97 4.26 -10.79
CA GLU A 165 11.55 4.14 -12.17
C GLU A 165 10.03 4.13 -12.21
N VAL A 166 9.44 5.11 -12.91
CA VAL A 166 7.98 5.22 -12.93
C VAL A 166 7.37 4.82 -14.29
N PHE A 167 8.19 4.80 -15.33
CA PHE A 167 7.81 4.11 -16.56
C PHE A 167 9.03 3.70 -17.39
N SER A 168 8.89 2.60 -18.12
CA SER A 168 9.89 2.19 -19.09
C SER A 168 9.17 1.68 -20.32
N GLU A 169 9.25 2.43 -21.40
CA GLU A 169 8.45 2.10 -22.58
C GLU A 169 9.28 1.81 -23.82
N THR A 170 9.00 0.70 -24.48
CA THR A 170 9.66 0.35 -25.73
C THR A 170 8.67 0.53 -26.89
N VAL A 171 9.11 1.15 -27.97
CA VAL A 171 8.24 1.39 -29.13
C VAL A 171 8.74 0.69 -30.38
N ASP A 172 7.83 0.41 -31.30
CA ASP A 172 8.21 -0.18 -32.58
C ASP A 172 9.00 0.83 -33.38
N THR A 173 8.43 2.03 -33.52
CA THR A 173 9.10 3.14 -34.19
C THR A 173 9.62 4.15 -33.18
N PHE A 174 10.93 4.29 -33.10
CA PHE A 174 11.54 5.20 -32.13
C PHE A 174 11.69 6.62 -32.67
N LEU A 175 11.35 7.59 -31.83
CA LEU A 175 11.49 9.00 -32.18
C LEU A 175 12.53 9.71 -31.28
N PRO A 176 13.72 9.98 -31.84
CA PRO A 176 14.73 10.71 -31.06
C PRO A 176 14.21 12.10 -30.73
N ILE A 177 14.38 12.52 -29.47
CA ILE A 177 13.71 13.71 -28.94
C ILE A 177 14.08 15.02 -29.63
N SER A 178 15.22 15.05 -30.31
CA SER A 178 15.63 16.24 -31.04
C SER A 178 15.74 15.92 -32.53
N ASN A 179 15.10 14.83 -32.93
CA ASN A 179 14.93 14.51 -34.34
C ASN A 179 13.48 14.82 -34.77
N ILE A 180 12.80 15.67 -33.99
CA ILE A 180 11.50 16.16 -34.38
C ILE A 180 11.62 17.29 -35.41
N ASN A 181 10.94 17.10 -36.53
CA ASN A 181 10.95 18.00 -37.67
C ASN A 181 10.76 19.49 -37.32
N GLY A 182 11.81 20.28 -37.56
CA GLY A 182 11.75 21.72 -37.44
C GLY A 182 11.92 22.30 -36.04
N ILE A 183 12.40 21.51 -35.10
CA ILE A 183 12.65 22.01 -33.75
C ILE A 183 13.52 23.27 -33.78
N ASP A 184 13.03 24.34 -33.16
CA ASP A 184 13.80 25.58 -33.14
C ASP A 184 13.82 26.25 -31.77
N LYS A 185 13.15 25.65 -30.80
CA LYS A 185 13.12 26.23 -29.46
C LYS A 185 13.44 25.19 -28.40
N ALA A 186 14.20 25.61 -27.40
CA ALA A 186 14.39 24.83 -26.18
C ALA A 186 13.85 25.70 -25.07
N THR A 187 13.00 25.12 -24.22
CA THR A 187 12.26 25.94 -23.25
C THR A 187 12.16 25.37 -21.83
N LEU A 188 12.26 26.26 -20.85
CA LEU A 188 12.03 25.88 -19.46
C LEU A 188 10.76 26.56 -18.96
N GLY A 189 9.83 25.77 -18.44
CA GLY A 189 8.67 26.29 -17.77
C GLY A 189 7.50 26.48 -18.71
N ALA A 190 7.69 26.06 -19.97
CA ALA A 190 6.58 25.98 -20.92
C ALA A 190 6.95 25.19 -22.17
N VAL A 191 5.98 25.01 -23.04
CA VAL A 191 6.26 24.57 -24.39
C VAL A 191 5.87 25.70 -25.35
N ASN A 192 6.83 26.13 -26.16
CA ASN A 192 6.56 27.15 -27.19
C ASN A 192 5.91 26.53 -28.40
N ARG A 193 4.60 26.74 -28.55
CA ARG A 193 3.87 26.27 -29.71
C ARG A 193 3.30 27.46 -30.48
N GLU A 194 3.72 27.59 -31.75
CA GLU A 194 3.28 28.69 -32.63
C GLU A 194 3.43 30.09 -32.02
N GLY A 195 4.56 30.35 -31.40
CA GLY A 195 4.84 31.65 -30.84
C GLY A 195 4.33 31.90 -29.44
N LYS A 196 3.53 30.97 -28.91
CA LYS A 196 2.91 31.15 -27.60
C LYS A 196 3.38 30.17 -26.51
N GLU A 197 3.16 30.54 -25.26
CA GLU A 197 3.57 29.71 -24.13
C GLU A 197 2.43 28.79 -23.69
N HIS A 198 2.60 27.50 -23.93
CA HIS A 198 1.65 26.49 -23.44
C HIS A 198 2.20 25.78 -22.20
N TYR A 199 1.28 25.35 -21.33
CA TYR A 199 1.65 24.63 -20.12
C TYR A 199 2.65 25.40 -19.24
N LEU A 200 2.41 26.70 -19.09
CA LEU A 200 3.21 27.57 -18.22
C LEU A 200 3.35 26.98 -16.81
N ALA A 201 4.57 27.06 -16.29
CA ALA A 201 4.89 26.39 -15.03
C ALA A 201 5.14 27.39 -13.91
N LYS A 202 4.59 27.08 -12.74
CA LYS A 202 5.02 27.69 -11.49
C LYS A 202 5.91 26.68 -10.79
N GLY A 203 7.11 27.08 -10.43
CA GLY A 203 8.06 26.18 -9.79
C GLY A 203 9.48 26.68 -9.93
N SER A 204 10.45 25.79 -9.83
CA SER A 204 11.84 26.16 -10.07
C SER A 204 12.67 24.95 -10.45
N ILE A 205 13.76 25.21 -11.18
CA ILE A 205 14.67 24.15 -11.60
C ILE A 205 16.06 24.54 -11.14
N ASP A 206 16.52 23.92 -10.04
CA ASP A 206 17.78 24.29 -9.43
C ASP A 206 18.94 23.83 -10.30
N GLU A 207 18.74 22.74 -11.01
CA GLU A 207 19.81 22.16 -11.81
C GLU A 207 19.27 21.34 -12.97
N ILE A 208 19.80 21.57 -14.16
CA ILE A 208 19.43 20.76 -15.33
C ILE A 208 20.64 20.43 -16.23
N SER A 209 20.71 19.17 -16.65
CA SER A 209 21.86 18.69 -17.42
C SER A 209 21.38 17.84 -18.60
N LEU A 210 22.09 17.92 -19.72
CA LEU A 210 21.75 17.07 -20.88
C LEU A 210 22.93 16.31 -21.43
N PHE A 211 22.64 15.13 -21.94
CA PHE A 211 23.67 14.20 -22.37
C PHE A 211 23.29 13.68 -23.74
N ASN A 212 24.29 13.56 -24.63
CA ASN A 212 24.05 12.92 -25.91
C ASN A 212 24.39 11.45 -25.81
N LYS A 213 23.86 10.84 -24.77
CA LYS A 213 24.06 9.42 -24.52
C LYS A 213 22.83 8.94 -23.77
N ALA A 214 22.51 7.66 -23.94
CA ALA A 214 21.53 7.02 -23.08
C ALA A 214 22.30 6.34 -21.96
N ILE A 215 22.26 6.92 -20.77
CA ILE A 215 23.09 6.42 -19.68
C ILE A 215 22.59 5.11 -19.08
N SER A 216 23.51 4.31 -18.54
CA SER A 216 23.18 2.99 -18.01
C SER A 216 22.36 3.10 -16.73
N ASP A 217 21.59 2.05 -16.45
CA ASP A 217 20.82 1.98 -15.22
C ASP A 217 21.75 2.13 -14.01
N GLN A 218 23.00 1.70 -14.17
CA GLN A 218 23.97 1.76 -13.09
C GLN A 218 24.41 3.19 -12.83
N GLU A 219 24.77 3.90 -13.90
CA GLU A 219 25.14 5.30 -13.80
C GLU A 219 24.03 6.10 -13.11
N VAL A 220 22.78 5.80 -13.47
CA VAL A 220 21.60 6.44 -12.90
C VAL A 220 21.58 6.31 -11.38
N SER A 221 21.97 5.15 -10.89
CA SER A 221 21.92 4.88 -9.46
C SER A 221 23.02 5.62 -8.71
N THR A 222 24.00 6.13 -9.44
CA THR A 222 25.08 6.91 -8.83
C THR A 222 24.71 8.38 -8.63
N ILE A 223 23.60 8.80 -9.23
CA ILE A 223 23.16 10.18 -9.12
C ILE A 223 22.56 10.47 -7.74
N PRO A 224 23.13 11.43 -7.03
CA PRO A 224 22.66 11.72 -5.67
C PRO A 224 21.23 12.26 -5.66
N LEU A 225 20.48 11.92 -4.63
CA LEU A 225 19.09 12.33 -4.51
C LEU A 225 18.90 13.22 -3.29
N SER A 226 17.72 13.80 -3.15
CA SER A 226 17.38 14.62 -1.99
C SER A 226 16.02 14.18 -1.46
N ASN A 227 15.83 12.87 -1.31
CA ASN A 227 14.53 12.36 -0.90
C ASN A 227 14.14 12.72 0.53
N PRO A 228 12.87 13.07 0.74
CA PRO A 228 12.39 13.26 2.10
C PRO A 228 11.91 11.93 2.71
N PHE A 229 11.94 10.88 1.92
CA PHE A 229 11.37 9.59 2.29
C PHE A 229 12.35 8.45 2.09
N GLN A 230 11.99 7.30 2.63
CA GLN A 230 12.74 6.07 2.39
C GLN A 230 11.76 4.95 2.13
N LEU A 231 12.22 3.88 1.49
CA LEU A 231 11.39 2.70 1.29
C LEU A 231 11.79 1.60 2.25
N ILE A 232 10.79 0.96 2.84
CA ILE A 232 11.00 -0.23 3.64
C ILE A 232 10.77 -1.42 2.72
N PHE A 233 9.58 -1.49 2.15
CA PHE A 233 9.28 -2.52 1.18
C PHE A 233 9.38 -1.86 -0.19
N GLN A 234 9.87 -2.59 -1.19
CA GLN A 234 10.05 -2.04 -2.54
C GLN A 234 10.24 -3.12 -3.61
N SER A 235 9.86 -2.78 -4.85
CA SER A 235 9.99 -3.70 -5.99
C SER A 235 11.38 -4.32 -6.09
N GLY A 236 11.43 -5.64 -6.31
CA GLY A 236 12.68 -6.34 -6.41
C GLY A 236 13.27 -6.89 -5.13
N ASP A 237 12.71 -6.50 -3.99
CA ASP A 237 13.19 -7.04 -2.71
C ASP A 237 12.84 -8.52 -2.51
N SER A 238 13.18 -9.04 -1.35
CA SER A 238 13.00 -10.45 -1.06
C SER A 238 11.55 -10.97 -1.24
N THR A 239 10.55 -10.07 -1.19
CA THR A 239 9.15 -10.50 -1.37
C THR A 239 8.89 -10.88 -2.81
N GLN A 240 9.62 -10.24 -3.73
CA GLN A 240 9.39 -10.38 -5.17
C GLN A 240 7.98 -9.96 -5.58
N ALA A 241 7.37 -9.05 -4.80
CA ALA A 241 6.08 -8.47 -5.15
C ALA A 241 6.29 -7.08 -5.74
N ASN A 242 5.60 -6.78 -6.83
CA ASN A 242 5.84 -5.51 -7.50
C ASN A 242 5.05 -4.40 -6.84
N TYR A 243 4.08 -4.79 -6.02
CA TYR A 243 3.16 -3.84 -5.41
C TYR A 243 2.93 -4.08 -3.92
N PHE A 244 2.67 -3.00 -3.19
CA PHE A 244 2.45 -3.06 -1.75
C PHE A 244 1.32 -2.14 -1.36
N ARG A 245 0.61 -2.53 -0.30
CA ARG A 245 -0.54 -1.77 0.18
C ARG A 245 -0.75 -2.20 1.63
N ILE A 246 -1.57 -1.43 2.35
CA ILE A 246 -1.91 -1.68 3.75
C ILE A 246 -0.71 -1.72 4.72
N PRO A 247 -0.06 -0.57 4.95
CA PRO A 247 1.08 -0.54 5.87
C PRO A 247 0.70 -0.56 7.36
N THR A 248 1.54 -1.19 8.18
CA THR A 248 1.42 -1.13 9.63
C THR A 248 2.78 -0.79 10.25
N LEU A 249 2.75 -0.18 11.45
CA LEU A 249 3.96 0.01 12.26
C LEU A 249 3.61 -0.20 13.72
N TYR A 250 4.59 -0.69 14.47
CA TYR A 250 4.43 -0.91 15.91
C TYR A 250 5.80 -0.89 16.57
N THR A 251 5.94 -0.09 17.61
CA THR A 251 7.19 0.02 18.33
C THR A 251 7.26 -1.03 19.45
N LEU A 252 8.21 -1.95 19.35
CA LEU A 252 8.39 -2.98 20.36
C LEU A 252 9.20 -2.47 21.55
N SER A 253 9.12 -3.20 22.66
CA SER A 253 9.63 -2.72 23.93
C SER A 253 11.14 -2.66 23.98
N SER A 254 11.79 -3.43 23.10
CA SER A 254 13.24 -3.38 22.95
C SER A 254 13.70 -2.17 22.14
N GLY A 255 12.78 -1.47 21.51
CA GLY A 255 13.13 -0.32 20.69
C GLY A 255 13.12 -0.65 19.21
N ARG A 256 13.14 -1.95 18.89
CA ARG A 256 12.85 -2.40 17.53
C ARG A 256 11.47 -1.94 17.05
N VAL A 257 11.44 -1.31 15.88
CA VAL A 257 10.18 -0.94 15.25
C VAL A 257 9.83 -1.97 14.19
N LEU A 258 8.61 -2.50 14.26
CA LEU A 258 8.18 -3.53 13.33
C LEU A 258 7.16 -2.99 12.32
N SER A 259 7.18 -3.54 11.11
CA SER A 259 6.27 -3.13 10.07
C SER A 259 5.77 -4.35 9.32
N SER A 260 4.47 -4.34 9.02
CA SER A 260 3.87 -5.37 8.20
C SER A 260 3.09 -4.73 7.06
N ILE A 261 2.78 -5.52 6.06
CA ILE A 261 2.26 -5.00 4.81
C ILE A 261 1.79 -6.13 3.90
N ASP A 262 0.85 -5.78 3.03
CA ASP A 262 0.44 -6.66 1.95
C ASP A 262 1.51 -6.68 0.85
N ALA A 263 2.13 -7.83 0.64
CA ALA A 263 2.98 -8.03 -0.54
C ALA A 263 2.07 -8.46 -1.68
N ARG A 264 1.64 -7.51 -2.50
CA ARG A 264 0.61 -7.79 -3.51
C ARG A 264 1.20 -8.03 -4.89
N TYR A 265 0.91 -9.21 -5.43
CA TYR A 265 1.54 -9.66 -6.66
C TYR A 265 0.76 -9.32 -7.94
N GLY A 266 -0.56 -9.49 -7.92
CA GLY A 266 -1.39 -9.22 -9.08
C GLY A 266 -1.87 -7.77 -9.14
N GLY A 267 -0.95 -6.85 -9.32
CA GLY A 267 -1.26 -5.45 -9.18
C GLY A 267 -1.71 -5.13 -7.76
N THR A 268 -2.40 -4.00 -7.60
CA THR A 268 -2.80 -3.51 -6.30
C THR A 268 -4.25 -3.89 -5.94
N HIS A 269 -4.83 -4.83 -6.70
CA HIS A 269 -6.16 -5.37 -6.42
C HIS A 269 -6.25 -6.03 -5.03
N ASP A 270 -7.31 -5.70 -4.30
CA ASP A 270 -7.66 -6.45 -3.09
C ASP A 270 -7.86 -7.93 -3.39
N SER A 271 -8.61 -8.18 -4.46
CA SER A 271 -9.15 -9.48 -4.80
C SER A 271 -9.71 -9.38 -6.23
N LYS A 272 -9.67 -10.47 -7.00
CA LYS A 272 -8.94 -11.67 -6.65
C LYS A 272 -7.48 -11.38 -6.93
N SER A 273 -6.57 -12.07 -6.22
CA SER A 273 -5.13 -11.84 -6.36
C SER A 273 -4.29 -12.85 -5.59
N LYS A 274 -2.96 -12.72 -5.74
CA LYS A 274 -2.04 -13.32 -4.77
C LYS A 274 -1.51 -12.21 -3.88
N ILE A 275 -1.63 -12.43 -2.57
CA ILE A 275 -1.09 -11.51 -1.57
C ILE A 275 -0.45 -12.31 -0.44
N ASN A 276 0.78 -11.95 -0.09
CA ASN A 276 1.42 -12.45 1.11
C ASN A 276 1.51 -11.33 2.15
N ILE A 277 1.73 -11.70 3.40
CA ILE A 277 2.00 -10.71 4.44
C ILE A 277 3.50 -10.70 4.77
N ALA A 278 4.11 -9.54 4.60
CA ALA A 278 5.55 -9.42 4.77
C ALA A 278 5.88 -8.46 5.93
N THR A 279 7.00 -8.72 6.59
CA THR A 279 7.41 -7.84 7.68
C THR A 279 8.88 -7.39 7.52
N SER A 280 9.20 -6.24 8.09
CA SER A 280 10.58 -5.75 8.20
C SER A 280 10.68 -5.02 9.53
N TYR A 281 11.91 -4.87 10.06
CA TYR A 281 12.08 -4.12 11.30
C TYR A 281 13.27 -3.20 11.24
N SER A 282 13.29 -2.28 12.19
CA SER A 282 14.35 -1.29 12.28
C SER A 282 14.81 -1.24 13.73
N ASP A 283 16.12 -1.37 13.91
CA ASP A 283 16.76 -1.31 15.23
C ASP A 283 17.43 0.03 15.46
N ASP A 284 17.34 0.95 14.49
CA ASP A 284 17.98 2.26 14.63
C ASP A 284 17.03 3.46 14.48
N ASN A 285 15.83 3.35 15.07
CA ASN A 285 14.84 4.42 15.04
C ASN A 285 14.30 4.77 13.63
N GLY A 286 14.28 3.81 12.72
CA GLY A 286 13.66 4.04 11.43
C GLY A 286 14.65 4.33 10.33
N LYS A 287 15.93 4.42 10.71
CA LYS A 287 17.01 4.81 9.79
C LYS A 287 17.30 3.76 8.74
N THR A 288 17.34 2.50 9.14
CA THR A 288 17.50 1.40 8.19
C THR A 288 16.57 0.29 8.55
N TRP A 289 16.32 -0.60 7.60
CA TRP A 289 15.30 -1.62 7.76
C TRP A 289 15.77 -2.95 7.21
N SER A 290 15.34 -4.01 7.87
CA SER A 290 15.71 -5.36 7.51
C SER A 290 15.09 -5.77 6.17
N GLU A 291 15.79 -6.66 5.47
CA GLU A 291 15.22 -7.30 4.29
C GLU A 291 13.98 -8.06 4.76
N PRO A 292 12.85 -7.86 4.06
CA PRO A 292 11.57 -8.41 4.53
C PRO A 292 11.54 -9.95 4.55
N ILE A 293 10.70 -10.50 5.42
CA ILE A 293 10.39 -11.91 5.40
C ILE A 293 8.87 -12.03 5.35
N PHE A 294 8.35 -13.24 5.19
CA PHE A 294 6.91 -13.45 5.23
C PHE A 294 6.42 -13.85 6.62
N ALA A 295 5.37 -13.18 7.09
CA ALA A 295 4.65 -13.65 8.25
C ALA A 295 3.56 -14.63 7.83
N MET A 296 3.03 -14.45 6.62
CA MET A 296 1.98 -15.31 6.09
C MET A 296 2.16 -15.52 4.60
N LYS A 297 2.29 -16.78 4.16
CA LYS A 297 2.39 -17.03 2.73
C LYS A 297 1.75 -18.33 2.25
N PHE A 298 1.37 -18.32 0.97
CA PHE A 298 0.90 -19.52 0.32
C PHE A 298 1.82 -19.82 -0.85
N ASN A 299 1.87 -21.09 -1.26
CA ASN A 299 2.77 -21.52 -2.33
C ASN A 299 2.07 -22.07 -3.55
N ASP A 300 0.75 -22.00 -3.57
CA ASP A 300 -0.01 -22.50 -4.73
C ASP A 300 0.34 -21.75 -6.02
N TYR A 301 0.77 -20.51 -5.87
CA TYR A 301 1.21 -19.71 -7.00
C TYR A 301 2.57 -19.15 -6.65
N GLU A 302 3.44 -19.06 -7.66
CA GLU A 302 4.79 -18.50 -7.52
C GLU A 302 4.78 -17.01 -7.17
N GLU A 303 5.65 -16.61 -6.24
CA GLU A 303 5.92 -15.20 -6.01
C GLU A 303 6.63 -14.63 -7.23
N GLN A 304 5.88 -13.89 -8.05
CA GLN A 304 6.43 -13.32 -9.29
C GLN A 304 6.42 -11.79 -9.23
N LEU A 305 7.53 -11.19 -9.64
CA LEU A 305 7.56 -9.76 -9.87
C LEU A 305 6.96 -9.50 -11.25
N VAL A 306 5.71 -9.04 -11.29
CA VAL A 306 5.00 -8.87 -12.56
C VAL A 306 4.68 -7.41 -12.82
N TYR A 307 4.88 -6.96 -14.06
CA TYR A 307 4.44 -5.61 -14.43
C TYR A 307 2.99 -5.64 -14.93
N TRP A 308 2.09 -5.30 -14.03
CA TRP A 308 0.66 -5.36 -14.28
C TRP A 308 0.19 -4.23 -15.21
N PRO A 309 -0.63 -4.55 -16.23
CA PRO A 309 -1.06 -3.59 -17.26
C PRO A 309 -1.88 -2.44 -16.69
N ARG A 310 -1.63 -1.22 -17.17
CA ARG A 310 -2.37 -0.08 -16.67
C ARG A 310 -3.34 0.49 -17.69
N ASP A 311 -3.47 -0.16 -18.84
CA ASP A 311 -4.45 0.31 -19.82
C ASP A 311 -5.86 -0.09 -19.39
N ASN A 312 -6.84 0.62 -19.90
CA ASN A 312 -8.24 0.42 -19.52
C ASN A 312 -8.79 -0.94 -19.90
N LYS A 313 -8.23 -1.56 -20.94
CA LYS A 313 -8.69 -2.87 -21.36
C LYS A 313 -8.21 -3.97 -20.43
N LEU A 314 -7.00 -3.81 -19.88
CA LEU A 314 -6.38 -4.89 -19.12
C LEU A 314 -6.22 -4.70 -17.60
N LYS A 315 -6.35 -3.48 -17.10
CA LYS A 315 -6.01 -3.20 -15.70
C LYS A 315 -6.80 -3.97 -14.63
N ASN A 316 -8.01 -4.40 -14.96
CA ASN A 316 -8.79 -5.24 -14.04
C ASN A 316 -8.52 -6.73 -14.18
N SER A 317 -7.48 -7.10 -14.94
CA SER A 317 -7.00 -8.47 -14.92
C SER A 317 -6.63 -8.84 -13.48
N GLN A 318 -6.92 -10.08 -13.10
CA GLN A 318 -6.74 -10.52 -11.73
C GLN A 318 -6.24 -11.94 -11.67
N ILE A 319 -5.22 -12.18 -10.84
CA ILE A 319 -4.89 -13.55 -10.45
C ILE A 319 -6.10 -14.13 -9.71
N SER A 320 -6.75 -15.08 -10.37
CA SER A 320 -8.09 -15.51 -9.99
C SER A 320 -8.13 -16.84 -9.27
N GLY A 321 -7.03 -17.58 -9.33
CA GLY A 321 -6.99 -18.92 -8.79
C GLY A 321 -6.07 -19.11 -7.59
N SER A 322 -5.67 -18.01 -6.96
CA SER A 322 -4.72 -18.07 -5.84
C SER A 322 -5.38 -17.85 -4.46
N ALA A 323 -4.96 -18.62 -3.47
CA ALA A 323 -5.29 -18.29 -2.10
C ALA A 323 -4.51 -17.03 -1.73
N SER A 324 -5.06 -16.20 -0.86
CA SER A 324 -4.24 -15.09 -0.38
C SER A 324 -4.63 -14.54 0.98
N PHE A 325 -3.80 -13.62 1.47
CA PHE A 325 -4.08 -12.89 2.69
C PHE A 325 -4.46 -11.45 2.30
N ILE A 326 -4.72 -10.61 3.30
CA ILE A 326 -4.98 -9.18 3.09
C ILE A 326 -5.28 -8.61 4.47
N ASP A 327 -4.77 -7.40 4.73
CA ASP A 327 -5.01 -6.68 6.00
C ASP A 327 -4.29 -7.32 7.22
N SER A 328 -3.11 -6.80 7.53
CA SER A 328 -2.39 -7.30 8.70
C SER A 328 -2.55 -6.35 9.88
N SER A 329 -2.49 -6.92 11.08
CA SER A 329 -2.50 -6.14 12.32
C SER A 329 -1.48 -6.72 13.32
N ILE A 330 -0.76 -5.84 14.03
CA ILE A 330 0.30 -6.26 14.95
C ILE A 330 0.03 -5.82 16.38
N VAL A 331 0.37 -6.67 17.34
CA VAL A 331 0.42 -6.23 18.72
C VAL A 331 1.55 -6.94 19.46
N GLU A 332 2.02 -6.34 20.55
CA GLU A 332 3.04 -7.00 21.37
C GLU A 332 2.50 -7.27 22.78
N ASP A 333 2.67 -8.50 23.24
CA ASP A 333 2.18 -8.91 24.54
C ASP A 333 3.27 -8.73 25.60
N LYS A 334 3.03 -7.84 26.57
CA LYS A 334 4.04 -7.56 27.60
C LYS A 334 4.37 -8.77 28.47
N LYS A 335 3.41 -9.67 28.67
CA LYS A 335 3.64 -10.78 29.58
C LYS A 335 4.61 -11.84 29.01
N SER A 336 4.31 -12.40 27.85
CA SER A 336 5.13 -13.47 27.30
C SER A 336 6.23 -12.88 26.44
N GLY A 337 6.03 -11.66 25.96
CA GLY A 337 7.02 -11.01 25.10
C GLY A 337 6.89 -11.37 23.63
N LYS A 338 5.95 -12.26 23.31
CA LYS A 338 5.57 -12.55 21.94
C LYS A 338 5.19 -11.30 21.16
N THR A 339 5.36 -11.38 19.86
CA THR A 339 4.67 -10.46 18.95
C THR A 339 3.56 -11.24 18.23
N ILE A 340 2.39 -10.63 18.13
CA ILE A 340 1.25 -11.28 17.49
C ILE A 340 0.79 -10.53 16.24
N LEU A 341 0.58 -11.27 15.18
CA LEU A 341 0.16 -10.69 13.93
C LEU A 341 -1.04 -11.48 13.43
N LEU A 342 -2.08 -10.74 13.09
CA LEU A 342 -3.29 -11.30 12.53
C LEU A 342 -3.43 -10.81 11.09
N ALA A 343 -4.02 -11.63 10.22
CA ALA A 343 -4.42 -11.18 8.89
C ALA A 343 -5.69 -11.87 8.44
N ASP A 344 -6.46 -11.23 7.56
CA ASP A 344 -7.56 -11.91 6.88
C ASP A 344 -6.96 -12.97 5.94
N VAL A 345 -7.59 -14.15 5.86
CA VAL A 345 -7.21 -15.19 4.89
C VAL A 345 -8.38 -15.53 3.98
N MET A 346 -8.05 -15.85 2.73
CA MET A 346 -9.04 -16.30 1.76
C MET A 346 -8.49 -17.49 0.99
N PRO A 347 -9.33 -18.51 0.76
CA PRO A 347 -8.89 -19.60 -0.10
C PRO A 347 -9.04 -19.20 -1.56
N ALA A 348 -8.57 -20.10 -2.42
CA ALA A 348 -8.52 -19.86 -3.86
C ALA A 348 -9.91 -19.70 -4.48
N GLY A 349 -10.92 -20.32 -3.87
CA GLY A 349 -12.24 -20.42 -4.46
C GLY A 349 -13.20 -19.32 -4.04
N ILE A 350 -12.73 -18.44 -3.16
CA ILE A 350 -13.49 -17.26 -2.74
C ILE A 350 -14.07 -16.54 -3.96
N GLY A 351 -15.30 -16.01 -3.81
CA GLY A 351 -15.90 -15.24 -4.87
C GLY A 351 -16.19 -13.82 -4.40
N ASN A 352 -16.94 -13.07 -5.20
CA ASN A 352 -17.45 -11.78 -4.77
C ASN A 352 -18.81 -11.94 -4.08
N ASN A 353 -19.78 -12.42 -4.84
CA ASN A 353 -21.09 -12.78 -4.29
C ASN A 353 -21.27 -14.30 -4.23
N ASN A 354 -22.18 -14.74 -3.37
CA ASN A 354 -22.46 -16.17 -3.17
C ASN A 354 -21.24 -16.98 -2.73
N ALA A 355 -20.31 -16.31 -2.02
CA ALA A 355 -19.10 -16.96 -1.52
C ALA A 355 -18.35 -16.16 -0.44
N ASN A 356 -18.62 -16.42 0.84
CA ASN A 356 -19.74 -17.26 1.30
C ASN A 356 -20.30 -16.68 2.59
N LYS A 357 -21.03 -15.58 2.49
CA LYS A 357 -21.70 -15.00 3.64
C LYS A 357 -22.75 -15.97 4.19
N ALA A 358 -23.11 -15.76 5.45
CA ALA A 358 -24.00 -16.66 6.21
C ALA A 358 -23.35 -17.99 6.61
N ASP A 359 -22.12 -18.22 6.15
CA ASP A 359 -21.36 -19.40 6.56
C ASP A 359 -19.99 -19.04 7.09
N SER A 360 -19.68 -19.53 8.28
CA SER A 360 -18.40 -19.29 8.94
C SER A 360 -17.33 -20.25 8.45
N GLY A 361 -17.75 -21.38 7.88
CA GLY A 361 -16.81 -22.37 7.41
C GLY A 361 -16.49 -23.39 8.48
N PHE A 362 -17.03 -23.15 9.68
CA PHE A 362 -16.91 -24.11 10.77
C PHE A 362 -18.24 -24.77 11.06
N LYS A 363 -18.17 -25.96 11.65
CA LYS A 363 -19.37 -26.62 12.16
C LYS A 363 -19.28 -26.69 13.68
N GLU A 364 -20.34 -26.23 14.36
CA GLU A 364 -20.42 -26.41 15.79
C GLU A 364 -20.86 -27.83 16.10
N ILE A 365 -20.06 -28.50 16.92
CA ILE A 365 -20.43 -29.79 17.47
C ILE A 365 -20.13 -29.77 18.96
N ASN A 366 -21.20 -29.90 19.76
CA ASN A 366 -21.22 -29.58 21.19
C ASN A 366 -21.09 -28.07 21.41
N GLY A 367 -19.98 -27.64 22.01
CA GLY A 367 -19.72 -26.22 22.18
C GLY A 367 -18.45 -25.85 21.45
N HIS A 368 -18.05 -26.70 20.51
CA HIS A 368 -16.77 -26.53 19.82
C HIS A 368 -16.95 -26.33 18.33
N TYR A 369 -15.98 -25.65 17.73
CA TYR A 369 -16.01 -25.38 16.29
C TYR A 369 -14.95 -26.18 15.53
N TYR A 370 -15.40 -26.95 14.55
CA TYR A 370 -14.50 -27.68 13.68
C TYR A 370 -14.59 -27.17 12.24
N LEU A 371 -13.44 -27.08 11.59
CA LEU A 371 -13.35 -26.54 10.23
C LEU A 371 -13.97 -27.50 9.20
N LYS A 372 -14.90 -26.99 8.40
CA LYS A 372 -15.54 -27.80 7.35
C LYS A 372 -14.61 -28.01 6.16
N LEU A 373 -14.70 -29.19 5.53
CA LEU A 373 -14.00 -29.45 4.27
C LEU A 373 -14.94 -30.03 3.21
N LYS A 374 -14.58 -29.86 1.94
CA LYS A 374 -15.29 -30.54 0.87
C LYS A 374 -14.30 -31.31 0.01
N LYS A 375 -14.61 -32.58 -0.28
CA LYS A 375 -13.75 -33.42 -1.09
C LYS A 375 -14.16 -33.35 -2.57
N ASN A 376 -13.17 -33.13 -3.43
CA ASN A 376 -13.30 -33.16 -4.89
C ASN A 376 -14.71 -33.32 -5.48
N GLY A 377 -15.18 -34.56 -5.57
CA GLY A 377 -16.41 -34.86 -6.27
C GLY A 377 -17.70 -34.52 -5.55
N ASP A 378 -17.61 -34.26 -4.25
CA ASP A 378 -18.81 -33.99 -3.45
C ASP A 378 -19.44 -32.64 -3.79
N ASN A 379 -20.74 -32.53 -3.58
CA ASN A 379 -21.47 -31.28 -3.80
C ASN A 379 -21.64 -30.48 -2.52
N ASP A 380 -21.38 -31.10 -1.37
CA ASP A 380 -21.51 -30.44 -0.07
C ASP A 380 -20.25 -30.66 0.77
N PHE A 381 -20.23 -30.04 1.95
CA PHE A 381 -19.09 -30.16 2.87
C PHE A 381 -19.30 -31.30 3.89
N ARG A 382 -18.94 -32.52 3.49
CA ARG A 382 -19.28 -33.70 4.28
C ARG A 382 -18.12 -34.11 5.19
N TYR A 383 -17.23 -33.17 5.45
CA TYR A 383 -16.05 -33.46 6.26
C TYR A 383 -15.78 -32.37 7.28
N THR A 384 -15.02 -32.72 8.32
CA THR A 384 -14.60 -31.77 9.32
C THR A 384 -13.18 -32.12 9.75
N VAL A 385 -12.50 -31.14 10.34
CA VAL A 385 -11.19 -31.37 10.91
C VAL A 385 -11.29 -31.34 12.42
N ARG A 386 -11.22 -32.52 13.03
CA ARG A 386 -11.35 -32.63 14.47
C ARG A 386 -9.98 -32.60 15.13
N GLU A 387 -9.94 -33.02 16.39
CA GLU A 387 -8.72 -32.96 17.20
C GLU A 387 -7.54 -33.67 16.54
N ASN A 388 -6.39 -32.98 16.58
CA ASN A 388 -5.20 -33.44 15.87
C ASN A 388 -5.52 -33.77 14.41
N GLY A 389 -6.09 -32.78 13.72
CA GLY A 389 -6.19 -32.76 12.26
C GLY A 389 -6.85 -33.92 11.54
N VAL A 390 -7.51 -34.81 12.26
CA VAL A 390 -8.15 -35.95 11.61
C VAL A 390 -9.37 -35.51 10.80
N VAL A 391 -9.46 -36.00 9.58
CA VAL A 391 -10.53 -35.61 8.69
C VAL A 391 -11.66 -36.61 8.87
N TYR A 392 -12.77 -36.13 9.43
CA TYR A 392 -13.90 -36.99 9.70
C TYR A 392 -14.90 -36.88 8.59
N ASN A 393 -15.61 -37.96 8.34
CA ASN A 393 -16.66 -37.98 7.34
C ASN A 393 -18.00 -37.78 8.05
N GLU A 394 -18.62 -36.62 7.83
CA GLU A 394 -19.82 -36.25 8.55
C GLU A 394 -21.05 -37.11 8.21
N THR A 395 -21.07 -37.71 7.02
CA THR A 395 -22.20 -38.56 6.63
C THR A 395 -22.21 -39.84 7.47
N THR A 396 -21.01 -40.30 7.82
CA THR A 396 -20.85 -41.55 8.56
C THR A 396 -20.24 -41.32 9.95
N ASN A 397 -19.84 -40.08 10.23
CA ASN A 397 -19.19 -39.70 11.51
C ASN A 397 -17.95 -40.55 11.82
N LYS A 398 -17.40 -41.15 10.77
CA LYS A 398 -16.26 -42.04 10.87
C LYS A 398 -15.05 -41.34 10.28
N PRO A 399 -13.88 -41.48 10.91
CA PRO A 399 -12.67 -40.81 10.44
C PRO A 399 -12.14 -41.39 9.12
N THR A 400 -11.31 -40.62 8.42
CA THR A 400 -10.73 -41.03 7.15
C THR A 400 -9.24 -41.27 7.30
N ASN A 401 -8.62 -41.82 6.28
CA ASN A 401 -7.18 -42.00 6.32
C ASN A 401 -6.43 -40.69 5.99
N TYR A 402 -7.14 -39.55 6.07
CA TYR A 402 -6.52 -38.25 5.81
C TYR A 402 -6.41 -37.40 7.06
N THR A 403 -5.27 -36.74 7.24
CA THR A 403 -5.12 -35.75 8.30
C THR A 403 -4.66 -34.39 7.75
N ILE A 404 -4.92 -33.33 8.53
CA ILE A 404 -4.50 -31.97 8.20
C ILE A 404 -3.47 -31.47 9.22
N ASN A 405 -2.27 -31.13 8.76
CA ASN A 405 -1.18 -30.76 9.66
C ASN A 405 -1.22 -29.31 10.16
N ASP A 406 -0.17 -28.94 10.88
CA ASP A 406 -0.08 -27.60 11.45
CA ASP A 406 -0.04 -27.60 11.44
C ASP A 406 -0.16 -26.53 10.38
N LYS A 407 0.43 -26.79 9.21
CA LYS A 407 0.41 -25.84 8.09
C LYS A 407 -0.78 -26.00 7.12
N TYR A 408 -1.89 -26.52 7.60
CA TYR A 408 -3.09 -26.71 6.76
C TYR A 408 -2.83 -27.52 5.50
N GLU A 409 -1.88 -28.43 5.58
CA GLU A 409 -1.55 -29.29 4.46
C GLU A 409 -2.16 -30.68 4.62
N VAL A 410 -2.51 -31.29 3.50
CA VAL A 410 -3.18 -32.58 3.50
C VAL A 410 -2.16 -33.73 3.52
N LEU A 411 -2.43 -34.73 4.35
CA LEU A 411 -1.65 -35.97 4.37
C LEU A 411 -2.57 -37.18 4.20
N GLU A 412 -2.11 -38.19 3.47
CA GLU A 412 -2.84 -39.46 3.43
C GLU A 412 -1.93 -40.51 4.03
N GLY A 413 -2.43 -41.19 5.07
CA GLY A 413 -1.63 -42.14 5.81
C GLY A 413 -0.32 -41.59 6.33
N GLY A 414 -0.26 -40.27 6.53
CA GLY A 414 0.95 -39.62 7.01
C GLY A 414 1.92 -39.17 5.90
N LYS A 415 1.47 -39.28 4.65
CA LYS A 415 2.29 -38.88 3.51
C LYS A 415 1.87 -37.52 2.94
N SER A 416 2.83 -36.63 2.77
CA SER A 416 2.58 -35.31 2.19
C SER A 416 2.07 -35.38 0.76
N LEU A 417 0.79 -35.06 0.56
CA LEU A 417 0.29 -34.88 -0.79
C LEU A 417 0.73 -33.52 -1.33
N THR A 418 0.84 -33.41 -2.64
CA THR A 418 1.30 -32.19 -3.27
C THR A 418 0.40 -31.76 -4.41
N VAL A 419 0.41 -30.47 -4.74
CA VAL A 419 -0.13 -30.01 -6.02
C VAL A 419 0.96 -29.32 -6.85
N GLU A 420 0.67 -29.12 -8.13
CA GLU A 420 1.56 -28.37 -9.00
C GLU A 420 1.29 -26.88 -8.83
N GLN A 421 2.35 -26.08 -8.81
CA GLN A 421 2.24 -24.63 -8.69
C GLN A 421 1.84 -23.97 -10.01
N TYR A 422 1.21 -22.80 -9.91
CA TYR A 422 0.85 -21.99 -11.07
C TYR A 422 1.78 -20.80 -11.20
N SER A 423 1.91 -20.31 -12.43
CA SER A 423 2.57 -19.05 -12.71
C SER A 423 1.73 -18.22 -13.66
N VAL A 424 1.83 -16.90 -13.55
CA VAL A 424 1.04 -16.02 -14.38
C VAL A 424 1.91 -15.23 -15.35
N ASP A 425 1.33 -14.93 -16.52
CA ASP A 425 2.02 -14.15 -17.56
C ASP A 425 0.99 -13.45 -18.43
N PHE A 426 1.47 -12.46 -19.17
CA PHE A 426 0.65 -11.73 -20.13
C PHE A 426 1.19 -11.93 -21.56
N ASP A 427 1.84 -13.05 -21.81
CA ASP A 427 2.47 -13.28 -23.11
C ASP A 427 1.48 -13.35 -24.27
N SER A 428 0.32 -13.95 -24.03
CA SER A 428 -0.71 -14.06 -25.07
C SER A 428 -1.51 -12.77 -25.23
N GLY A 429 -1.01 -11.68 -24.67
CA GLY A 429 -1.70 -10.41 -24.71
C GLY A 429 -2.90 -10.37 -23.80
N SER A 430 -2.97 -11.33 -22.89
CA SER A 430 -3.95 -11.36 -21.80
C SER A 430 -3.43 -12.32 -20.74
N LEU A 431 -3.99 -12.22 -19.53
CA LEU A 431 -3.50 -12.99 -18.40
C LEU A 431 -3.80 -14.48 -18.54
N ARG A 432 -2.77 -15.29 -18.31
CA ARG A 432 -2.95 -16.73 -18.21
C ARG A 432 -2.34 -17.25 -16.92
N GLU A 433 -3.02 -18.23 -16.34
CA GLU A 433 -2.52 -18.90 -15.15
C GLU A 433 -2.30 -20.36 -15.51
N ARG A 434 -1.03 -20.77 -15.54
CA ARG A 434 -0.70 -22.12 -15.98
C ARG A 434 0.28 -22.86 -15.08
N HIS A 435 0.11 -24.17 -14.98
CA HIS A 435 1.00 -25.04 -14.19
C HIS A 435 2.45 -24.91 -14.63
N ASN A 436 3.37 -24.94 -13.68
CA ASN A 436 4.78 -24.62 -13.95
C ASN A 436 5.79 -25.74 -13.68
N GLY A 437 5.30 -26.94 -13.43
CA GLY A 437 6.16 -28.10 -13.21
C GLY A 437 6.54 -28.38 -11.76
N LYS A 438 6.61 -27.33 -10.95
CA LYS A 438 7.05 -27.41 -9.55
C LYS A 438 5.94 -27.94 -8.63
N GLN A 439 6.27 -28.92 -7.79
CA GLN A 439 5.29 -29.46 -6.86
C GLN A 439 5.38 -28.74 -5.52
N VAL A 440 4.24 -28.51 -4.87
CA VAL A 440 4.23 -27.93 -3.53
C VAL A 440 3.20 -28.67 -2.68
N PRO A 441 3.37 -28.65 -1.35
CA PRO A 441 2.45 -29.33 -0.42
C PRO A 441 0.98 -29.04 -0.69
N MET A 442 0.11 -30.06 -0.65
CA MET A 442 -1.32 -29.84 -0.85
C MET A 442 -1.92 -29.09 0.34
N ASN A 443 -2.45 -27.89 0.08
CA ASN A 443 -3.05 -27.07 1.13
C ASN A 443 -4.54 -26.89 0.92
N VAL A 444 -5.32 -27.04 2.00
CA VAL A 444 -6.77 -26.93 1.94
C VAL A 444 -7.31 -25.57 1.54
N PHE A 445 -6.43 -24.58 1.36
CA PHE A 445 -6.88 -23.31 0.82
C PHE A 445 -6.70 -23.22 -0.70
N TYR A 446 -6.11 -24.27 -1.30
CA TYR A 446 -5.74 -24.22 -2.73
C TYR A 446 -6.84 -24.67 -3.72
N LYS A 447 -6.71 -24.29 -4.98
CA LYS A 447 -7.67 -24.70 -6.00
C LYS A 447 -7.52 -26.17 -6.39
N ASP A 448 -6.28 -26.65 -6.45
CA ASP A 448 -5.99 -28.00 -6.91
C ASP A 448 -6.07 -29.04 -5.80
N SER A 449 -6.41 -28.60 -4.58
CA SER A 449 -6.40 -29.48 -3.40
C SER A 449 -7.59 -30.45 -3.33
N LEU A 450 -7.31 -31.68 -2.90
CA LEU A 450 -8.33 -32.72 -2.73
C LEU A 450 -9.43 -32.37 -1.72
N PHE A 451 -9.06 -31.69 -0.64
CA PHE A 451 -10.01 -31.19 0.36
C PHE A 451 -9.97 -29.66 0.42
N LYS A 452 -11.14 -29.03 0.36
CA LYS A 452 -11.24 -27.58 0.34
C LYS A 452 -12.04 -27.00 1.50
N VAL A 453 -11.58 -25.85 2.00
CA VAL A 453 -12.33 -25.11 2.99
C VAL A 453 -13.48 -24.36 2.32
N THR A 454 -14.44 -23.90 3.13
CA THR A 454 -15.53 -23.06 2.66
C THR A 454 -15.00 -21.79 2.00
N PRO A 455 -15.52 -21.47 0.80
CA PRO A 455 -15.07 -20.26 0.11
C PRO A 455 -15.60 -19.01 0.79
N THR A 456 -15.06 -18.69 1.95
CA THR A 456 -15.36 -17.45 2.65
C THR A 456 -14.07 -16.88 3.23
N ASN A 457 -14.17 -15.75 3.94
CA ASN A 457 -13.05 -15.18 4.66
C ASN A 457 -12.88 -15.68 6.12
N TYR A 458 -11.63 -15.86 6.54
CA TYR A 458 -11.29 -16.28 7.89
C TYR A 458 -10.32 -15.28 8.49
N ILE A 459 -10.04 -15.43 9.78
CA ILE A 459 -8.97 -14.66 10.41
C ILE A 459 -7.88 -15.60 10.90
N ALA A 460 -6.66 -15.36 10.41
CA ALA A 460 -5.49 -16.14 10.84
C ALA A 460 -4.63 -15.37 11.82
N MET A 461 -3.92 -16.10 12.67
CA MET A 461 -2.99 -15.52 13.64
C MET A 461 -1.64 -16.24 13.60
N THR A 462 -0.55 -15.48 13.64
CA THR A 462 0.80 -16.02 13.76
C THR A 462 1.51 -15.36 14.95
N THR A 463 2.61 -15.96 15.41
CA THR A 463 3.42 -15.34 16.46
C THR A 463 4.90 -15.39 16.14
N SER A 464 5.64 -14.40 16.62
CA SER A 464 7.10 -14.44 16.61
C SER A 464 7.60 -14.40 18.04
N GLN A 465 8.61 -15.21 18.34
CA GLN A 465 9.24 -15.13 19.65
C GLN A 465 10.58 -14.39 19.56
N ASN A 466 10.92 -13.90 18.38
CA ASN A 466 12.18 -13.21 18.16
C ASN A 466 12.00 -11.82 17.55
N ARG A 467 10.91 -11.16 17.94
CA ARG A 467 10.65 -9.79 17.53
C ARG A 467 10.72 -9.55 16.03
N GLY A 468 10.23 -10.54 15.27
CA GLY A 468 10.07 -10.38 13.84
C GLY A 468 11.13 -11.04 12.99
N GLU A 469 11.95 -11.90 13.58
CA GLU A 469 13.00 -12.55 12.81
C GLU A 469 12.50 -13.81 12.14
N SER A 470 11.49 -14.43 12.73
CA SER A 470 10.78 -15.53 12.10
C SER A 470 9.36 -15.53 12.64
N TRP A 471 8.47 -16.26 11.98
CA TRP A 471 7.08 -16.31 12.37
C TRP A 471 6.60 -17.75 12.37
N GLU A 472 5.76 -18.11 13.34
CA GLU A 472 5.17 -19.44 13.35
C GLU A 472 4.20 -19.60 12.21
N GLN A 473 3.86 -20.85 11.91
CA GLN A 473 2.74 -21.18 11.05
C GLN A 473 1.44 -20.67 11.68
N PHE A 474 0.60 -20.02 10.87
CA PHE A 474 -0.60 -19.42 11.41
C PHE A 474 -1.67 -20.43 11.82
N LYS A 475 -2.46 -20.06 12.82
CA LYS A 475 -3.64 -20.82 13.19
C LYS A 475 -4.87 -20.00 12.80
N LEU A 476 -5.93 -20.66 12.37
CA LEU A 476 -7.19 -19.97 12.16
C LEU A 476 -7.85 -19.65 13.51
N LEU A 477 -8.36 -18.44 13.64
CA LEU A 477 -9.24 -18.08 14.76
C LEU A 477 -10.63 -18.68 14.53
N PRO A 478 -11.35 -19.04 15.62
CA PRO A 478 -12.68 -19.68 15.54
C PRO A 478 -13.75 -18.63 15.22
N PRO A 479 -14.99 -19.07 14.93
CA PRO A 479 -16.06 -18.09 14.70
C PRO A 479 -16.46 -17.35 16.00
N PHE A 480 -16.83 -16.09 15.87
CA PHE A 480 -17.22 -15.26 17.01
C PHE A 480 -18.69 -14.89 16.99
N LEU A 481 -19.29 -14.90 15.80
CA LEU A 481 -20.69 -14.55 15.66
C LEU A 481 -21.52 -15.77 15.25
N GLY A 482 -21.04 -16.95 15.67
CA GLY A 482 -21.77 -18.18 15.47
C GLY A 482 -21.50 -18.91 14.17
N GLU A 483 -21.78 -20.20 14.20
CA GLU A 483 -21.75 -21.10 13.05
C GLU A 483 -22.20 -20.44 11.73
N LYS A 484 -23.35 -19.75 11.77
CA LYS A 484 -23.94 -19.25 10.54
C LYS A 484 -23.81 -17.72 10.39
N HIS A 485 -22.59 -17.30 10.10
CA HIS A 485 -22.22 -15.90 9.92
C HIS A 485 -20.81 -15.93 9.33
N ASN A 486 -20.61 -15.27 8.19
CA ASN A 486 -19.26 -15.19 7.62
C ASN A 486 -18.33 -14.45 8.58
N GLY A 487 -17.04 -14.68 8.47
CA GLY A 487 -16.07 -14.06 9.38
C GLY A 487 -16.00 -12.55 9.29
N THR A 488 -15.73 -11.90 10.43
CA THR A 488 -15.55 -10.46 10.43
C THR A 488 -14.27 -10.07 9.70
N TYR A 489 -14.02 -8.76 9.62
CA TYR A 489 -12.87 -8.25 8.90
C TYR A 489 -11.88 -7.56 9.83
N LEU A 490 -10.64 -8.07 9.85
CA LEU A 490 -9.59 -7.47 10.64
C LEU A 490 -9.39 -6.00 10.29
N CYS A 491 -9.29 -5.18 11.31
CA CYS A 491 -8.91 -3.78 11.13
C CYS A 491 -7.38 -3.69 11.03
N PRO A 492 -6.88 -3.34 9.84
CA PRO A 492 -5.43 -3.29 9.56
C PRO A 492 -4.73 -2.16 10.32
N GLY A 493 -3.53 -2.46 10.82
CA GLY A 493 -2.79 -1.49 11.63
C GLY A 493 -2.22 -2.10 12.88
N GLN A 494 -2.73 -1.65 14.02
CA GLN A 494 -2.26 -2.14 15.32
C GLN A 494 -3.39 -2.75 16.14
N GLY A 495 -3.06 -3.75 16.92
CA GLY A 495 -3.89 -4.15 18.04
C GLY A 495 -3.57 -3.21 19.19
N LEU A 496 -4.30 -3.36 20.29
CA LEU A 496 -4.02 -2.50 21.44
C LEU A 496 -3.55 -3.34 22.63
N ALA A 497 -2.38 -3.01 23.16
CA ALA A 497 -1.91 -3.64 24.41
C ALA A 497 -2.16 -2.67 25.55
N LEU A 498 -3.08 -3.03 26.44
CA LEU A 498 -3.37 -2.15 27.57
C LEU A 498 -2.18 -2.06 28.53
N LYS A 499 -1.85 -0.82 28.88
CA LYS A 499 -0.74 -0.49 29.77
C LYS A 499 -0.79 -1.18 31.14
N SER A 500 -1.99 -1.26 31.71
CA SER A 500 -2.15 -1.66 33.11
C SER A 500 -2.59 -3.10 33.33
N SER A 501 -2.56 -3.91 32.27
CA SER A 501 -2.89 -5.33 32.38
C SER A 501 -2.26 -6.16 31.26
N ASN A 502 -2.71 -7.40 31.13
CA ASN A 502 -2.26 -8.25 30.03
C ASN A 502 -3.31 -8.34 28.92
N ARG A 503 -4.24 -7.40 28.92
CA ARG A 503 -5.29 -7.44 27.91
C ARG A 503 -4.80 -7.04 26.52
N LEU A 504 -5.04 -7.92 25.56
CA LEU A 504 -4.78 -7.64 24.16
C LEU A 504 -6.11 -7.53 23.41
N ILE A 505 -6.24 -6.48 22.60
CA ILE A 505 -7.44 -6.26 21.80
C ILE A 505 -7.14 -6.04 20.32
N PHE A 506 -7.80 -6.81 19.45
CA PHE A 506 -7.79 -6.54 18.01
C PHE A 506 -9.18 -6.12 17.49
N ALA A 507 -9.23 -4.99 16.81
CA ALA A 507 -10.49 -4.49 16.23
C ALA A 507 -10.80 -5.23 14.94
N THR A 508 -12.02 -5.73 14.83
CA THR A 508 -12.56 -6.16 13.54
C THR A 508 -13.86 -5.43 13.20
N TYR A 509 -14.31 -5.58 11.96
CA TYR A 509 -15.59 -5.02 11.58
C TYR A 509 -16.44 -6.00 10.78
N THR A 510 -17.75 -5.92 10.99
CA THR A 510 -18.71 -6.63 10.18
C THR A 510 -19.88 -5.68 9.96
N SER A 511 -20.98 -6.16 9.37
CA SER A 511 -22.13 -5.30 9.12
C SER A 511 -22.85 -4.89 10.42
N GLY A 512 -23.00 -3.60 10.64
CA GLY A 512 -23.71 -3.11 11.81
C GLY A 512 -22.92 -2.93 13.10
N GLU A 513 -21.66 -3.37 13.12
CA GLU A 513 -20.89 -3.29 14.36
C GLU A 513 -19.37 -3.43 14.23
N LEU A 514 -18.67 -2.82 15.19
CA LEU A 514 -17.29 -3.20 15.48
C LEU A 514 -17.31 -4.45 16.34
N THR A 515 -16.47 -5.42 16.00
CA THR A 515 -16.35 -6.62 16.81
C THR A 515 -14.93 -6.72 17.37
N TYR A 516 -14.75 -6.31 18.60
CA TYR A 516 -13.42 -6.35 19.19
C TYR A 516 -13.03 -7.77 19.61
N LEU A 517 -11.77 -8.14 19.40
CA LEU A 517 -11.26 -9.45 19.81
C LEU A 517 -10.36 -9.27 21.02
N ILE A 518 -10.77 -9.86 22.14
CA ILE A 518 -10.14 -9.62 23.43
C ILE A 518 -9.49 -10.87 23.96
N SER A 519 -8.21 -10.75 24.36
CA SER A 519 -7.50 -11.86 24.97
C SER A 519 -6.84 -11.42 26.26
N ASP A 520 -6.90 -12.29 27.27
CA ASP A 520 -6.23 -11.99 28.54
C ASP A 520 -5.10 -12.98 28.81
N ASP A 521 -4.85 -13.87 27.86
CA ASP A 521 -3.90 -14.95 28.06
C ASP A 521 -2.91 -15.10 26.90
N SER A 522 -2.32 -13.98 26.51
CA SER A 522 -1.28 -13.96 25.47
C SER A 522 -1.79 -14.51 24.16
N GLY A 523 -3.04 -14.18 23.82
CA GLY A 523 -3.60 -14.56 22.54
C GLY A 523 -3.88 -16.04 22.37
N GLN A 524 -3.97 -16.79 23.47
CA GLN A 524 -4.32 -18.19 23.36
C GLN A 524 -5.82 -18.37 23.20
N THR A 525 -6.58 -17.56 23.92
CA THR A 525 -8.02 -17.60 23.78
C THR A 525 -8.52 -16.20 23.51
N TRP A 526 -9.67 -16.12 22.84
CA TRP A 526 -10.26 -14.84 22.50
C TRP A 526 -11.73 -14.87 22.83
N LYS A 527 -12.26 -13.68 23.13
CA LYS A 527 -13.71 -13.49 23.26
C LYS A 527 -14.00 -12.21 22.52
N LYS A 528 -15.27 -11.98 22.20
CA LYS A 528 -15.61 -10.79 21.45
C LYS A 528 -16.38 -9.77 22.29
N SER A 529 -16.20 -8.50 21.94
CA SER A 529 -17.02 -7.47 22.52
C SER A 529 -17.63 -6.70 21.36
N SER A 530 -18.93 -6.88 21.16
CA SER A 530 -19.64 -6.20 20.07
C SER A 530 -20.01 -4.75 20.39
N ALA A 531 -19.82 -3.87 19.41
CA ALA A 531 -20.23 -2.47 19.55
C ALA A 531 -20.97 -1.97 18.31
N SER A 532 -22.28 -1.79 18.48
CA SER A 532 -23.17 -1.37 17.40
C SER A 532 -22.73 -0.04 16.78
N ILE A 533 -22.76 0.02 15.46
CA ILE A 533 -22.57 1.28 14.76
C ILE A 533 -23.75 1.53 13.81
N PRO A 534 -24.02 2.81 13.52
CA PRO A 534 -25.16 3.20 12.65
C PRO A 534 -24.92 2.94 11.15
N PHE A 535 -24.31 1.81 10.81
CA PHE A 535 -23.94 1.55 9.42
C PHE A 535 -24.16 0.09 9.04
N LYS A 536 -24.88 -0.11 7.93
CA LYS A 536 -24.83 -1.40 7.26
C LYS A 536 -23.79 -1.36 6.13
N ASN A 537 -23.11 -2.50 5.96
CA ASN A 537 -22.03 -2.66 4.99
C ASN A 537 -21.07 -1.47 4.83
N ALA A 538 -20.43 -1.11 5.94
CA ALA A 538 -19.37 -0.12 5.91
C ALA A 538 -18.02 -0.82 6.03
N THR A 539 -16.99 -0.21 5.50
CA THR A 539 -15.64 -0.66 5.76
C THR A 539 -15.17 0.10 6.99
N ALA A 540 -15.65 -0.31 8.15
CA ALA A 540 -15.41 0.43 9.38
C ALA A 540 -14.06 0.09 10.03
N GLU A 541 -13.01 0.25 9.22
CA GLU A 541 -11.62 0.11 9.66
C GLU A 541 -11.37 1.02 10.88
N ALA A 542 -10.95 0.39 11.97
CA ALA A 542 -10.91 1.05 13.27
C ALA A 542 -9.54 0.93 13.95
N GLN A 543 -9.10 2.02 14.55
CA GLN A 543 -7.88 2.00 15.35
C GLN A 543 -8.12 2.57 16.77
N MET A 544 -7.45 1.98 17.75
CA MET A 544 -7.66 2.36 19.15
C MET A 544 -6.48 3.09 19.74
N VAL A 545 -6.77 4.05 20.63
CA VAL A 545 -5.77 4.60 21.55
C VAL A 545 -6.30 4.49 22.98
N GLU A 546 -5.37 4.29 23.91
CA GLU A 546 -5.72 4.32 25.33
C GLU A 546 -5.47 5.75 25.84
N LEU A 547 -6.54 6.46 26.20
CA LEU A 547 -6.42 7.82 26.73
C LEU A 547 -5.84 7.84 28.16
N ARG A 548 -6.29 6.91 28.98
CA ARG A 548 -5.71 6.67 30.29
C ARG A 548 -6.18 5.29 30.69
N ASP A 549 -5.63 4.75 31.77
CA ASP A 549 -5.84 3.34 32.12
C ASP A 549 -7.29 2.87 32.05
N GLY A 550 -7.55 1.96 31.12
CA GLY A 550 -8.85 1.34 30.99
C GLY A 550 -9.80 2.11 30.09
N VAL A 551 -9.31 3.24 29.56
CA VAL A 551 -10.11 4.11 28.69
C VAL A 551 -9.61 4.05 27.25
N ILE A 552 -10.39 3.42 26.39
CA ILE A 552 -10.02 3.26 24.99
C ILE A 552 -10.88 4.12 24.11
N ARG A 553 -10.26 4.95 23.28
CA ARG A 553 -11.00 5.57 22.19
C ARG A 553 -10.65 4.91 20.88
N THR A 554 -11.70 4.53 20.16
CA THR A 554 -11.55 3.94 18.85
C THR A 554 -11.98 4.94 17.78
N PHE A 555 -11.06 5.27 16.89
CA PHE A 555 -11.37 6.08 15.73
C PHE A 555 -11.60 5.17 14.52
N PHE A 556 -12.71 5.35 13.82
CA PHE A 556 -12.98 4.51 12.66
C PHE A 556 -13.56 5.20 11.43
N ARG A 557 -13.25 4.61 10.27
CA ARG A 557 -13.77 5.00 8.96
C ARG A 557 -15.28 4.74 8.79
N THR A 558 -15.98 5.68 8.16
CA THR A 558 -17.43 5.50 7.96
C THR A 558 -17.84 5.73 6.51
N THR A 559 -19.14 5.96 6.33
CA THR A 559 -19.69 6.25 5.01
C THR A 559 -20.34 7.63 5.00
N THR A 560 -19.96 8.46 5.98
CA THR A 560 -20.58 9.78 6.18
C THR A 560 -19.69 10.96 5.75
N GLY A 561 -18.46 10.65 5.37
CA GLY A 561 -17.48 11.68 5.07
C GLY A 561 -16.82 12.25 6.31
N LYS A 562 -17.20 11.74 7.48
CA LYS A 562 -16.54 12.13 8.72
C LYS A 562 -16.04 10.89 9.49
N ILE A 563 -14.89 11.04 10.13
CA ILE A 563 -14.34 9.99 11.00
C ILE A 563 -15.18 9.88 12.27
N ALA A 564 -15.49 8.66 12.68
CA ALA A 564 -16.29 8.45 13.89
C ALA A 564 -15.43 8.05 15.08
N TYR A 565 -16.04 7.98 16.25
CA TYR A 565 -15.36 7.41 17.41
C TYR A 565 -16.32 6.91 18.48
N MET A 566 -15.84 5.97 19.28
CA MET A 566 -16.56 5.48 20.44
C MET A 566 -15.57 5.28 21.56
N THR A 567 -16.05 5.24 22.80
CA THR A 567 -15.19 5.11 23.97
C THR A 567 -15.58 3.93 24.87
N SER A 568 -14.57 3.22 25.36
CA SER A 568 -14.74 2.20 26.39
C SER A 568 -14.03 2.69 27.65
N ARG A 569 -14.59 2.37 28.81
CA ARG A 569 -14.04 2.82 30.08
C ARG A 569 -13.89 1.66 31.01
N ASP A 570 -14.04 0.47 30.45
CA ASP A 570 -13.87 -0.77 31.21
C ASP A 570 -12.95 -1.72 30.45
N SER A 571 -11.89 -1.15 29.86
CA SER A 571 -10.88 -1.91 29.12
C SER A 571 -11.45 -2.78 27.99
N GLY A 572 -12.51 -2.27 27.35
CA GLY A 572 -13.11 -2.91 26.18
C GLY A 572 -14.34 -3.76 26.40
N GLU A 573 -14.86 -3.81 27.62
CA GLU A 573 -16.00 -4.67 27.92
C GLU A 573 -17.24 -4.10 27.28
N THR A 574 -17.43 -2.79 27.45
CA THR A 574 -18.60 -2.11 26.91
C THR A 574 -18.19 -0.85 26.17
N TRP A 575 -19.07 -0.40 25.25
CA TRP A 575 -18.73 0.71 24.38
C TRP A 575 -19.81 1.76 24.28
N SER A 576 -19.38 3.00 24.13
CA SER A 576 -20.27 4.15 24.00
C SER A 576 -21.01 4.17 22.67
N LYS A 577 -21.90 5.15 22.54
CA LYS A 577 -22.54 5.42 21.27
C LYS A 577 -21.51 6.11 20.38
N VAL A 578 -21.83 6.26 19.09
CA VAL A 578 -20.88 6.79 18.14
C VAL A 578 -20.98 8.32 17.99
N SER A 579 -19.83 8.98 17.92
CA SER A 579 -19.76 10.42 17.72
C SER A 579 -18.88 10.64 16.51
N TYR A 580 -18.71 11.90 16.11
CA TYR A 580 -17.95 12.22 14.91
C TYR A 580 -17.01 13.40 15.12
N ILE A 581 -15.94 13.41 14.33
CA ILE A 581 -15.00 14.52 14.32
C ILE A 581 -15.35 15.56 13.24
N ASP A 582 -15.34 16.83 13.61
CA ASP A 582 -15.42 17.89 12.61
C ASP A 582 -14.04 18.50 12.45
N GLY A 583 -13.81 19.12 11.30
CA GLY A 583 -12.50 19.72 11.03
C GLY A 583 -11.62 18.83 10.18
N ILE A 584 -12.00 17.56 10.09
CA ILE A 584 -11.40 16.64 9.13
C ILE A 584 -12.48 16.10 8.20
N GLN A 585 -12.18 16.00 6.92
CA GLN A 585 -13.14 15.47 5.97
C GLN A 585 -12.58 14.26 5.26
N GLN A 586 -13.42 13.23 5.09
CA GLN A 586 -13.10 12.15 4.17
C GLN A 586 -14.12 12.08 3.04
N THR A 587 -13.82 11.24 2.07
CA THR A 587 -14.73 10.95 0.98
C THR A 587 -15.86 10.09 1.53
N SER A 588 -16.95 10.00 0.78
CA SER A 588 -18.09 9.18 1.16
C SER A 588 -17.70 7.73 1.43
N TYR A 589 -16.83 7.17 0.60
CA TYR A 589 -16.40 5.78 0.79
C TYR A 589 -15.33 5.66 1.87
N GLY A 590 -14.61 6.76 2.11
CA GLY A 590 -13.71 6.88 3.23
C GLY A 590 -12.37 6.20 3.09
N THR A 591 -11.50 6.43 4.06
CA THR A 591 -10.19 5.80 4.10
C THR A 591 -9.85 5.42 5.54
N GLN A 592 -9.04 4.37 5.68
CA GLN A 592 -8.44 3.97 6.92
C GLN A 592 -7.72 5.13 7.58
N VAL A 593 -7.83 5.20 8.91
CA VAL A 593 -7.22 6.24 9.73
C VAL A 593 -6.33 5.59 10.79
N SER A 594 -5.15 6.15 11.03
CA SER A 594 -4.28 5.57 12.04
C SER A 594 -4.10 6.50 13.22
N ALA A 595 -3.88 5.91 14.41
CA ALA A 595 -3.93 6.70 15.65
C ALA A 595 -2.97 6.19 16.72
N ILE A 596 -2.33 7.13 17.41
CA ILE A 596 -1.50 6.76 18.55
C ILE A 596 -1.66 7.74 19.68
N LYS A 597 -1.47 7.23 20.90
CA LYS A 597 -1.35 8.08 22.07
C LYS A 597 0.11 8.52 22.14
N TYR A 598 0.35 9.83 22.13
CA TYR A 598 1.73 10.31 22.23
C TYR A 598 2.19 10.17 23.69
N SER A 599 3.42 9.68 23.90
CA SER A 599 3.96 9.50 25.25
C SER A 599 4.19 10.82 26.02
N GLN A 600 4.38 11.91 25.30
CA GLN A 600 4.71 13.18 25.96
C GLN A 600 3.57 14.18 25.90
N LEU A 601 3.47 15.00 26.93
CA LEU A 601 2.52 16.09 26.95
C LEU A 601 2.86 17.13 25.88
N ILE A 602 1.83 17.77 25.35
CA ILE A 602 2.00 18.90 24.45
C ILE A 602 1.11 20.03 24.95
N ASP A 603 1.71 21.19 25.17
CA ASP A 603 1.03 22.31 25.81
C ASP A 603 0.38 21.88 27.12
N GLY A 604 1.09 21.06 27.87
CA GLY A 604 0.68 20.65 29.19
C GLY A 604 -0.34 19.53 29.22
N LYS A 605 -0.91 19.20 28.07
CA LYS A 605 -2.01 18.24 28.03
C LYS A 605 -1.61 16.92 27.38
N GLU A 606 -2.36 15.87 27.68
CA GLU A 606 -2.11 14.58 27.07
C GLU A 606 -2.59 14.61 25.62
N ALA A 607 -1.89 13.89 24.75
CA ALA A 607 -2.06 14.07 23.33
C ALA A 607 -2.24 12.79 22.51
N VAL A 608 -2.96 12.91 21.41
CA VAL A 608 -3.31 11.82 20.52
C VAL A 608 -3.02 12.29 19.09
N ILE A 609 -2.41 11.44 18.27
CA ILE A 609 -2.12 11.80 16.90
C ILE A 609 -2.89 10.92 15.90
N LEU A 610 -3.67 11.56 15.02
CA LEU A 610 -4.39 10.88 13.93
C LEU A 610 -3.71 11.10 12.59
N SER A 611 -3.67 10.05 11.78
CA SER A 611 -3.17 10.12 10.42
C SER A 611 -4.28 9.76 9.43
N THR A 612 -4.50 10.64 8.47
CA THR A 612 -5.61 10.45 7.54
C THR A 612 -5.49 11.44 6.38
N PRO A 613 -6.03 11.06 5.22
CA PRO A 613 -6.31 12.06 4.18
C PRO A 613 -7.26 13.12 4.72
N ASN A 614 -7.11 14.37 4.31
CA ASN A 614 -8.15 15.36 4.62
C ASN A 614 -8.69 15.97 3.31
N SER A 615 -9.70 15.29 2.78
CA SER A 615 -10.32 15.66 1.50
C SER A 615 -11.69 15.00 1.36
N ARG A 616 -12.64 15.69 0.75
CA ARG A 616 -13.93 15.05 0.44
C ARG A 616 -14.01 14.61 -1.03
N SER A 617 -12.94 14.86 -1.80
CA SER A 617 -12.85 14.45 -3.22
C SER A 617 -12.15 13.12 -3.45
N GLY A 618 -10.96 12.97 -2.87
CA GLY A 618 -10.22 11.74 -3.03
C GLY A 618 -9.32 11.48 -1.84
N ARG A 619 -8.32 10.63 -2.06
CA ARG A 619 -7.37 10.27 -1.04
C ARG A 619 -6.09 11.06 -1.25
N LYS A 620 -6.14 12.29 -0.78
CA LYS A 620 -5.03 13.24 -0.92
C LYS A 620 -5.14 14.18 0.25
N GLY A 621 -4.21 15.13 0.34
CA GLY A 621 -4.16 16.03 1.48
C GLY A 621 -3.89 15.27 2.78
N GLY A 622 -2.84 14.47 2.78
CA GLY A 622 -2.47 13.75 3.97
C GLY A 622 -2.19 14.68 5.14
N GLN A 623 -2.69 14.29 6.31
CA GLN A 623 -2.44 15.04 7.52
C GLN A 623 -2.16 14.21 8.77
N LEU A 624 -1.36 14.80 9.65
CA LEU A 624 -1.21 14.32 11.00
C LEU A 624 -1.95 15.36 11.80
N VAL A 625 -2.90 14.93 12.61
CA VAL A 625 -3.70 15.86 13.41
C VAL A 625 -3.47 15.62 14.90
N VAL A 626 -3.06 16.68 15.58
CA VAL A 626 -2.78 16.57 16.99
C VAL A 626 -3.95 17.06 17.87
N GLY A 627 -4.37 16.20 18.78
CA GLY A 627 -5.43 16.53 19.71
C GLY A 627 -4.96 16.48 21.16
N LEU A 628 -5.41 17.46 21.93
CA LEU A 628 -5.18 17.48 23.36
C LEU A 628 -6.46 17.02 24.07
N VAL A 629 -6.28 16.18 25.08
CA VAL A 629 -7.42 15.62 25.82
C VAL A 629 -7.83 16.55 26.94
N ASN A 630 -9.12 16.79 27.07
CA ASN A 630 -9.64 17.55 28.20
C ASN A 630 -9.91 16.59 29.34
N LYS A 631 -9.06 16.63 30.37
CA LYS A 631 -9.13 15.67 31.48
C LYS A 631 -10.45 15.71 32.27
N GLU A 632 -11.35 16.61 31.90
CA GLU A 632 -12.61 16.75 32.62
C GLU A 632 -13.72 15.91 32.00
N ASP A 633 -13.70 15.80 30.67
CA ASP A 633 -14.70 14.98 29.99
C ASP A 633 -14.07 14.00 29.01
N ASP A 634 -12.74 13.98 28.94
CA ASP A 634 -12.00 13.18 27.98
C ASP A 634 -12.32 13.56 26.54
N SER A 635 -12.75 14.80 26.34
CA SER A 635 -12.95 15.30 24.98
C SER A 635 -11.59 15.67 24.42
N ILE A 636 -11.52 15.78 23.09
CA ILE A 636 -10.27 16.06 22.41
C ILE A 636 -10.38 17.33 21.58
N ASP A 637 -9.49 18.28 21.84
CA ASP A 637 -9.43 19.49 21.04
C ASP A 637 -8.38 19.24 19.98
N TRP A 638 -8.81 19.25 18.72
CA TRP A 638 -7.89 19.04 17.60
C TRP A 638 -7.21 20.35 17.24
N LYS A 639 -6.07 20.59 17.87
CA LYS A 639 -5.42 21.90 17.85
C LYS A 639 -4.46 22.11 16.66
N TYR A 640 -3.77 21.07 16.22
CA TYR A 640 -2.74 21.21 15.19
C TYR A 640 -2.93 20.28 13.98
N HIS A 641 -2.83 20.85 12.79
CA HIS A 641 -2.92 20.08 11.55
C HIS A 641 -1.60 20.16 10.78
N TYR A 642 -0.89 19.04 10.67
CA TYR A 642 0.29 18.99 9.83
C TYR A 642 0.02 18.34 8.47
N ASP A 643 0.24 19.11 7.41
CA ASP A 643 0.09 18.63 6.04
C ASP A 643 1.35 17.85 5.61
N ILE A 644 1.15 16.59 5.27
CA ILE A 644 2.26 15.69 4.95
C ILE A 644 2.94 16.00 3.60
N ASP A 645 2.12 16.35 2.62
CA ASP A 645 2.56 16.91 1.36
C ASP A 645 1.44 17.84 0.89
N LEU A 646 1.39 18.19 -0.39
CA LEU A 646 0.37 19.13 -0.87
C LEU A 646 -1.04 18.59 -0.69
N PRO A 647 -2.03 19.49 -0.58
CA PRO A 647 -3.42 19.02 -0.47
C PRO A 647 -3.89 18.25 -1.71
N SER A 648 -3.27 18.48 -2.86
CA SER A 648 -3.67 17.73 -4.06
C SER A 648 -2.85 16.45 -4.31
N TYR A 649 -1.87 16.15 -3.45
CA TYR A 649 -1.05 14.96 -3.62
C TYR A 649 -1.59 13.76 -2.84
N GLY A 650 -1.47 12.58 -3.44
CA GLY A 650 -2.03 11.35 -2.90
C GLY A 650 -1.60 10.93 -1.50
N TYR A 651 -2.60 10.54 -0.71
CA TYR A 651 -2.38 10.04 0.65
C TYR A 651 -3.52 9.10 1.02
N ALA A 652 -3.19 7.84 1.29
CA ALA A 652 -4.25 6.86 1.53
C ALA A 652 -4.16 6.16 2.90
N TYR A 653 -4.05 4.83 2.89
CA TYR A 653 -3.86 4.06 4.10
C TYR A 653 -2.53 4.44 4.73
N SER A 654 -2.48 4.47 6.06
CA SER A 654 -1.29 4.94 6.76
C SER A 654 -1.01 4.21 8.07
N ALA A 655 0.23 4.32 8.55
CA ALA A 655 0.63 3.76 9.83
C ALA A 655 1.49 4.77 10.60
N ILE A 656 1.16 4.97 11.87
CA ILE A 656 1.87 5.93 12.71
C ILE A 656 2.47 5.18 13.90
N THR A 657 3.68 5.55 14.27
CA THR A 657 4.21 5.01 15.50
C THR A 657 5.10 6.04 16.19
N GLU A 658 5.09 6.04 17.52
CA GLU A 658 6.05 6.86 18.24
C GLU A 658 7.35 6.07 18.32
N LEU A 659 8.42 6.62 17.76
CA LEU A 659 9.71 5.95 17.75
C LEU A 659 10.37 6.11 19.13
N PRO A 660 11.27 5.17 19.50
CA PRO A 660 11.89 5.21 20.85
C PRO A 660 12.50 6.57 21.22
N ASN A 661 12.96 7.33 20.23
CA ASN A 661 13.54 8.65 20.44
C ASN A 661 12.50 9.77 20.47
N HIS A 662 11.22 9.38 20.44
CA HIS A 662 10.05 10.28 20.47
C HIS A 662 9.79 11.06 19.17
N HIS A 663 10.48 10.70 18.11
CA HIS A 663 10.07 11.15 16.80
C HIS A 663 8.84 10.36 16.41
N ILE A 664 8.23 10.73 15.29
CA ILE A 664 7.09 10.00 14.75
C ILE A 664 7.44 9.40 13.39
N GLY A 665 7.18 8.12 13.22
CA GLY A 665 7.35 7.46 11.94
C GLY A 665 6.00 7.22 11.28
N VAL A 666 5.95 7.46 9.97
CA VAL A 666 4.73 7.34 9.18
C VAL A 666 5.01 6.52 7.94
N LEU A 667 4.41 5.35 7.86
CA LEU A 667 4.52 4.52 6.65
C LEU A 667 3.18 4.62 5.94
N PHE A 668 3.17 5.08 4.69
CA PHE A 668 1.88 5.42 4.07
C PHE A 668 1.80 5.18 2.56
N GLU A 669 0.58 4.97 2.07
CA GLU A 669 0.33 4.90 0.63
C GLU A 669 0.36 6.32 0.04
N LYS A 670 1.46 6.67 -0.62
CA LYS A 670 1.56 8.02 -1.21
C LYS A 670 0.93 8.09 -2.61
N TYR A 671 -0.36 7.79 -2.68
CA TYR A 671 -1.09 7.84 -3.93
C TYR A 671 -2.55 7.62 -3.61
N ASP A 672 -3.42 7.83 -4.59
CA ASP A 672 -4.85 7.58 -4.40
C ASP A 672 -5.13 6.10 -4.71
N SER A 673 -5.19 5.29 -3.66
CA SER A 673 -5.37 3.85 -3.80
C SER A 673 -6.84 3.48 -4.01
N TRP A 674 -7.67 4.50 -4.25
CA TRP A 674 -9.07 4.28 -4.62
C TRP A 674 -9.26 4.49 -6.13
N SER A 675 -8.69 5.58 -6.63
CA SER A 675 -8.80 5.97 -8.03
C SER A 675 -8.48 4.85 -9.01
N ARG A 676 -9.35 4.67 -10.01
CA ARG A 676 -9.15 3.65 -11.04
C ARG A 676 -8.05 4.07 -12.03
N ASN A 677 -7.50 5.26 -11.84
CA ASN A 677 -6.46 5.74 -12.71
C ASN A 677 -5.05 5.61 -12.08
N GLU A 678 -5.00 5.22 -10.80
CA GLU A 678 -3.70 5.06 -10.11
C GLU A 678 -3.46 3.63 -9.60
N LEU A 679 -4.11 2.65 -10.23
CA LEU A 679 -3.82 1.26 -9.94
C LEU A 679 -2.39 0.89 -10.35
N HIS A 680 -1.81 -0.08 -9.64
CA HIS A 680 -0.57 -0.74 -10.06
C HIS A 680 0.64 0.19 -10.24
N LEU A 681 0.86 1.08 -9.28
CA LEU A 681 2.10 1.85 -9.24
C LEU A 681 3.04 1.15 -8.27
N SER A 682 4.33 1.18 -8.60
CA SER A 682 5.34 0.63 -7.70
C SER A 682 6.02 1.69 -6.84
N ASN A 683 6.38 1.29 -5.61
CA ASN A 683 7.12 2.16 -4.69
C ASN A 683 6.40 3.47 -4.35
N VAL A 684 5.12 3.38 -4.03
CA VAL A 684 4.36 4.55 -3.60
C VAL A 684 4.10 4.47 -2.09
N VAL A 685 4.29 3.28 -1.53
CA VAL A 685 4.28 3.13 -0.07
C VAL A 685 5.64 3.59 0.47
N GLN A 686 5.59 4.66 1.27
CA GLN A 686 6.79 5.37 1.68
C GLN A 686 6.82 5.67 3.17
N TYR A 687 8.02 5.90 3.68
CA TYR A 687 8.26 6.15 5.10
C TYR A 687 8.94 7.51 5.32
N ILE A 688 8.40 8.29 6.25
CA ILE A 688 9.07 9.52 6.69
C ILE A 688 9.23 9.59 8.21
N ASP A 689 10.21 10.36 8.65
CA ASP A 689 10.48 10.61 10.06
C ASP A 689 10.09 12.04 10.39
N LEU A 690 9.29 12.23 11.44
CA LEU A 690 8.88 13.57 11.85
C LEU A 690 9.16 13.78 13.33
N GLU A 691 9.31 15.04 13.71
CA GLU A 691 9.42 15.43 15.11
C GLU A 691 8.19 16.25 15.48
N ILE A 692 7.89 16.30 16.78
CA ILE A 692 6.69 16.99 17.23
C ILE A 692 6.63 18.46 16.83
N ASN A 693 7.77 19.15 16.95
CA ASN A 693 7.84 20.55 16.56
C ASN A 693 7.49 20.75 15.07
N ASP A 694 7.69 19.70 14.28
CA ASP A 694 7.34 19.76 12.88
C ASP A 694 5.83 19.92 12.73
N LEU A 695 5.09 19.26 13.61
CA LEU A 695 3.63 19.27 13.57
C LEU A 695 3.01 20.55 14.14
N THR A 696 3.73 21.19 15.07
CA THR A 696 3.27 22.42 15.70
C THR A 696 4.03 23.64 15.19
#